data_4CW5
#
_entry.id   4CW5
#
_cell.length_a   80.850
_cell.length_b   94.000
_cell.length_c   144.530
_cell.angle_alpha   90.00
_cell.angle_beta   90.00
_cell.angle_gamma   90.00
#
_symmetry.space_group_name_H-M   'P 21 21 21'
#
loop_
_entity.id
_entity.type
_entity.pdbx_description
1 polymer DFNA
2 non-polymer 'FLAVIN MONONUCLEOTIDE'
3 water water
#
_entity_poly.entity_id   1
_entity_poly.type   'polypeptide(L)'
_entity_poly.pdbx_seq_one_letter_code
;S(MSE)AADPQKTAG(MSE)RLGNEDFKKDYNIQYAY(MSE)TGS(MSE)YRGIASEQ(MSE)VIKAAKAG(MSE)LGFF
GTGGLSIERIGQAIGTIRSALRQGETFG(MSE)NLLHH(MSE)(MSE)SPDKEVR(MSE)IDLYLKNGIHLIEASAF
(MSE)GITPALVIYRAKGLSRNHDGSVSVQNKIIAKVSRPEVAEAFLNPAPAHVLERLVSDNRLTAGEAALAKEIP
(MSE)ADDICVEADSGGHTDQGIPYTL(MSE)PA(MSE)IRLRDR(MSE)(MSE)EKHGYAKKVRIGAAGGIGTPEAAAA
AFLLGAEFIGTGSINQCTVEAGTSDSVKDLLQEANVQDTSYAPAGD(MSE)FEAGARVQVLKKGLFFPARANKLFDLYRQ
YNSLDEIDEKTKTLIEEKYFQRSFEEVYEQLKRDKSPEQIAKAEQNPKHK(MSE)A(MSE)VFKWYFSHTTRLALEGKSE
SKIDYQIHCGPALGAFNQWVKGTPLENWRNRHVDLIGKQL(MSE)EETAGLLAQRLVSITG
;
_entity_poly.pdbx_strand_id   A,B
#
# COMPACT_ATOMS: atom_id res chain seq x y z
N PRO A 6 -14.59 24.09 23.92
CA PRO A 6 -14.52 25.52 23.64
C PRO A 6 -13.13 26.10 23.85
N GLN A 7 -12.77 27.01 22.94
CA GLN A 7 -11.44 27.61 22.82
C GLN A 7 -10.40 26.62 22.31
N LYS A 8 -10.86 25.44 21.92
CA LYS A 8 -10.04 24.47 21.24
C LYS A 8 -10.27 24.61 19.74
N THR A 9 -9.22 24.68 18.94
CA THR A 9 -9.39 24.76 17.50
C THR A 9 -9.91 23.42 16.97
N ALA A 10 -10.31 23.42 15.70
CA ALA A 10 -10.78 22.19 15.07
C ALA A 10 -9.66 21.16 15.01
N GLY A 11 -8.45 21.62 14.73
CA GLY A 11 -7.26 20.77 14.72
C GLY A 11 -7.02 20.04 16.02
N ARG A 13 -9.31 19.17 18.20
CA ARG A 13 -10.41 18.26 18.51
C ARG A 13 -10.18 16.87 17.91
N LEU A 14 -9.34 16.79 16.89
CA LEU A 14 -9.07 15.53 16.21
C LEU A 14 -8.44 14.49 17.15
N GLY A 15 -8.73 13.22 16.91
CA GLY A 15 -8.08 12.14 17.61
C GLY A 15 -8.58 11.96 19.04
N ASN A 16 -7.94 11.06 19.76
CA ASN A 16 -8.42 10.60 21.05
C ASN A 16 -8.13 11.61 22.15
N GLU A 17 -9.13 11.90 22.97
CA GLU A 17 -9.03 12.95 23.98
C GLU A 17 -8.11 12.57 25.14
N ASP A 18 -8.08 11.29 25.49
CA ASP A 18 -7.25 10.83 26.60
C ASP A 18 -5.77 10.79 26.21
N PHE A 19 -5.50 10.57 24.93
CA PHE A 19 -4.15 10.65 24.41
C PHE A 19 -3.61 12.05 24.65
N LYS A 20 -4.41 13.06 24.28
CA LYS A 20 -4.03 14.45 24.48
C LYS A 20 -3.92 14.80 25.96
N LYS A 21 -4.87 14.35 26.77
CA LYS A 21 -4.83 14.60 28.20
C LYS A 21 -3.62 13.95 28.88
N ASP A 22 -3.43 12.65 28.65
CA ASP A 22 -2.34 11.91 29.28
C ASP A 22 -0.95 12.51 29.04
N TYR A 23 -0.72 13.03 27.85
CA TYR A 23 0.59 13.61 27.52
C TYR A 23 0.58 15.14 27.63
N ASN A 24 -0.52 15.67 28.15
CA ASN A 24 -0.67 17.11 28.35
C ASN A 24 -0.31 17.90 27.08
N ILE A 25 -0.89 17.49 25.96
CA ILE A 25 -0.68 18.15 24.68
C ILE A 25 -2.01 18.59 24.09
N GLN A 26 -1.95 19.49 23.10
CA GLN A 26 -3.16 20.06 22.52
C GLN A 26 -3.55 19.39 21.20
N TYR A 27 -2.60 18.70 20.58
CA TYR A 27 -2.85 17.98 19.33
C TYR A 27 -2.53 16.49 19.45
N ALA A 28 -3.35 15.66 18.82
CA ALA A 28 -3.08 14.23 18.74
C ALA A 28 -2.06 14.00 17.64
N TYR A 29 -0.84 14.46 17.88
CA TYR A 29 0.16 14.60 16.83
C TYR A 29 1.56 14.45 17.39
N THR A 31 5.89 14.10 16.25
CA THR A 31 6.99 14.05 15.30
C THR A 31 7.82 12.85 15.68
N GLY A 32 8.08 11.99 14.70
CA GLY A 32 8.82 10.77 14.94
C GLY A 32 10.30 11.01 15.12
N SER A 33 10.96 10.09 15.81
CA SER A 33 12.40 10.16 16.02
C SER A 33 13.12 10.15 14.68
N TYR A 35 17.24 9.64 13.52
CA TYR A 35 18.50 9.24 14.14
C TYR A 35 19.59 10.31 14.09
N ARG A 36 20.64 10.08 14.86
CA ARG A 36 21.79 10.97 14.93
C ARG A 36 21.41 12.42 15.18
N GLY A 37 20.33 12.63 15.92
CA GLY A 37 19.93 13.96 16.33
C GLY A 37 19.32 14.80 15.22
N ILE A 38 18.94 14.17 14.11
CA ILE A 38 18.23 14.88 13.05
C ILE A 38 16.92 15.38 13.64
N ALA A 39 16.27 14.55 14.44
CA ALA A 39 15.25 15.04 15.35
C ALA A 39 16.01 15.68 16.49
N SER A 40 16.26 16.97 16.36
CA SER A 40 17.20 17.67 17.21
C SER A 40 16.57 18.13 18.52
N GLU A 41 17.41 18.51 19.48
CA GLU A 41 16.95 19.11 20.72
C GLU A 41 16.05 20.29 20.41
N GLN A 42 16.51 21.13 19.49
CA GLN A 42 15.79 22.32 19.08
C GLN A 42 14.41 21.98 18.51
N VAL A 44 12.57 19.12 19.16
CA VAL A 44 11.77 18.59 20.26
C VAL A 44 11.26 19.72 21.15
N ILE A 45 12.11 20.73 21.36
CA ILE A 45 11.75 21.86 22.20
C ILE A 45 10.63 22.65 21.53
N LYS A 46 10.78 22.87 20.22
CA LYS A 46 9.82 23.66 19.46
C LYS A 46 8.47 22.96 19.44
N ALA A 47 8.50 21.63 19.38
CA ALA A 47 7.28 20.84 19.34
C ALA A 47 6.61 20.83 20.71
N ALA A 48 7.41 20.67 21.75
CA ALA A 48 6.89 20.64 23.12
C ALA A 48 6.21 21.96 23.48
N LYS A 49 6.80 23.07 23.07
CA LYS A 49 6.27 24.39 23.41
C LYS A 49 5.00 24.71 22.64
N ALA A 50 4.75 23.95 21.56
CA ALA A 50 3.59 24.21 20.72
C ALA A 50 2.48 23.19 20.99
N GLY A 51 2.66 22.39 22.04
CA GLY A 51 1.60 21.54 22.53
C GLY A 51 1.43 20.29 21.71
N LEU A 53 3.70 16.44 20.48
CA LEU A 53 4.65 15.46 20.97
C LEU A 53 5.89 15.40 20.08
N GLY A 54 7.05 15.58 20.68
CA GLY A 54 8.31 15.46 19.96
C GLY A 54 9.22 14.43 20.59
N PHE A 55 9.92 13.67 19.73
CA PHE A 55 10.84 12.65 20.19
C PHE A 55 12.25 12.94 19.68
N PHE A 56 13.23 12.87 20.58
CA PHE A 56 14.61 13.14 20.20
C PHE A 56 15.27 11.90 19.59
N GLY A 57 16.05 12.12 18.55
CA GLY A 57 16.63 11.03 17.77
C GLY A 57 17.93 10.51 18.35
N THR A 58 17.83 9.55 19.25
CA THR A 58 18.98 9.00 19.94
C THR A 58 19.78 8.01 19.10
N GLY A 59 19.18 7.55 18.01
CA GLY A 59 19.82 6.56 17.16
C GLY A 59 21.25 6.89 16.77
N GLY A 60 22.17 6.02 17.18
CA GLY A 60 23.56 6.13 16.77
C GLY A 60 24.34 7.21 17.49
N LEU A 61 23.83 7.68 18.62
CA LEU A 61 24.55 8.64 19.46
C LEU A 61 25.06 7.98 20.73
N SER A 62 26.11 8.56 21.30
CA SER A 62 26.69 8.06 22.53
C SER A 62 25.78 8.36 23.71
N ILE A 63 25.89 7.57 24.77
CA ILE A 63 25.16 7.83 25.99
C ILE A 63 25.48 9.21 26.54
N GLU A 64 26.73 9.63 26.41
CA GLU A 64 27.13 10.97 26.86
C GLU A 64 26.39 12.04 26.06
N ARG A 65 26.29 11.82 24.75
CA ARG A 65 25.64 12.78 23.87
C ARG A 65 24.15 12.87 24.17
N ILE A 66 23.53 11.71 24.37
CA ILE A 66 22.11 11.65 24.71
C ILE A 66 21.84 12.39 26.02
N GLY A 67 22.67 12.14 27.03
CA GLY A 67 22.51 12.79 28.31
C GLY A 67 22.65 14.30 28.22
N GLN A 68 23.51 14.75 27.31
CA GLN A 68 23.69 16.17 27.07
C GLN A 68 22.43 16.74 26.41
N ALA A 69 21.82 15.95 25.52
CA ALA A 69 20.58 16.36 24.87
C ALA A 69 19.44 16.53 25.88
N ILE A 70 19.37 15.62 26.86
CA ILE A 70 18.34 15.68 27.89
C ILE A 70 18.45 16.99 28.66
N GLY A 71 19.67 17.35 29.05
CA GLY A 71 19.91 18.57 29.79
C GLY A 71 19.48 19.80 29.02
N THR A 72 19.83 19.86 27.74
CA THR A 72 19.51 21.00 26.90
C THR A 72 18.00 21.17 26.76
N ILE A 73 17.31 20.05 26.54
CA ILE A 73 15.87 20.06 26.35
C ILE A 73 15.14 20.46 27.64
N ARG A 74 15.55 19.88 28.76
CA ARG A 74 14.92 20.20 30.05
C ARG A 74 15.08 21.68 30.40
N SER A 75 16.27 22.21 30.21
CA SER A 75 16.53 23.62 30.53
C SER A 75 15.63 24.58 29.76
N ALA A 76 15.33 24.24 28.51
CA ALA A 76 14.50 25.10 27.67
C ALA A 76 13.01 24.91 27.95
N LEU A 77 12.64 23.75 28.50
CA LEU A 77 11.25 23.45 28.82
C LEU A 77 11.00 23.60 30.32
N ARG A 78 10.54 24.78 30.72
CA ARG A 78 10.46 25.12 32.14
C ARG A 78 9.02 25.34 32.57
N GLN A 79 8.08 24.75 31.83
CA GLN A 79 6.67 24.76 32.23
C GLN A 79 6.12 23.34 32.25
N GLY A 80 7.00 22.38 32.47
CA GLY A 80 6.62 20.98 32.55
C GLY A 80 6.11 20.36 31.27
N GLU A 81 6.49 20.92 30.12
CA GLU A 81 6.12 20.37 28.82
C GLU A 81 6.61 18.94 28.63
N THR A 82 5.74 18.09 28.10
CA THR A 82 6.10 16.71 27.78
C THR A 82 7.01 16.64 26.54
N PHE A 83 7.97 15.71 26.59
CA PHE A 83 8.76 15.37 25.42
C PHE A 83 9.22 13.91 25.59
N GLY A 84 9.68 13.29 24.51
CA GLY A 84 10.09 11.89 24.55
C GLY A 84 11.45 11.62 23.96
N ASN A 86 13.75 8.55 21.69
CA ASN A 86 13.74 7.31 20.93
C ASN A 86 14.46 6.21 21.69
N LEU A 87 13.89 5.01 21.68
CA LEU A 87 14.63 3.82 22.06
C LEU A 87 14.59 2.88 20.89
N LEU A 88 15.69 2.87 20.14
CA LEU A 88 15.78 2.10 18.91
C LEU A 88 16.44 0.76 19.19
N HIS A 89 15.72 -0.31 18.94
CA HIS A 89 16.22 -1.66 19.16
C HIS A 89 17.21 -2.09 18.07
N HIS A 90 18.36 -2.58 18.50
CA HIS A 90 19.29 -3.27 17.61
C HIS A 90 19.59 -4.63 18.22
N SER A 93 23.37 -4.66 19.58
CA SER A 93 23.79 -3.72 20.61
C SER A 93 22.81 -3.79 21.80
N PRO A 94 22.73 -4.96 22.45
CA PRO A 94 21.76 -5.12 23.53
C PRO A 94 22.11 -4.34 24.80
N ASP A 95 23.39 -4.03 24.99
CA ASP A 95 23.82 -3.33 26.19
C ASP A 95 23.60 -1.82 26.08
N LYS A 96 23.65 -1.31 24.86
CA LYS A 96 23.40 0.11 24.61
C LYS A 96 21.98 0.45 25.04
N GLU A 97 21.05 -0.44 24.73
CA GLU A 97 19.65 -0.26 25.13
C GLU A 97 19.50 -0.21 26.64
N VAL A 98 20.12 -1.16 27.33
CA VAL A 98 20.04 -1.23 28.78
C VAL A 98 20.62 0.05 29.40
N ARG A 99 21.74 0.51 28.87
CA ARG A 99 22.38 1.72 29.38
C ARG A 99 21.54 2.95 29.06
N ILE A 101 18.17 2.92 28.88
CA ILE A 101 17.10 2.83 29.88
C ILE A 101 17.60 3.36 31.22
N ASP A 102 18.77 2.88 31.64
CA ASP A 102 19.37 3.31 32.90
C ASP A 102 19.54 4.82 32.92
N LEU A 103 19.93 5.39 31.79
CA LEU A 103 20.10 6.84 31.69
C LEU A 103 18.74 7.52 31.80
N TYR A 104 17.73 6.94 31.15
CA TYR A 104 16.38 7.47 31.19
C TYR A 104 15.81 7.46 32.61
N LEU A 105 15.97 6.34 33.31
CA LEU A 105 15.54 6.23 34.69
C LEU A 105 16.27 7.21 35.61
N LYS A 106 17.59 7.31 35.42
CA LYS A 106 18.42 8.18 36.25
C LYS A 106 18.07 9.65 36.04
N ASN A 107 17.53 9.96 34.86
CA ASN A 107 17.16 11.33 34.51
C ASN A 107 15.63 11.46 34.43
N GLY A 108 15.14 12.60 33.96
CA GLY A 108 13.71 12.86 33.94
C GLY A 108 12.83 12.18 32.89
N ILE A 109 13.37 11.20 32.17
CA ILE A 109 12.65 10.64 31.02
C ILE A 109 11.52 9.66 31.39
N HIS A 110 10.28 10.09 31.12
CA HIS A 110 9.09 9.30 31.41
C HIS A 110 8.30 8.95 30.14
N LEU A 111 8.89 9.22 28.99
CA LEU A 111 8.26 8.90 27.70
C LEU A 111 9.29 8.50 26.67
N ILE A 112 9.10 7.32 26.08
CA ILE A 112 9.95 6.87 24.98
C ILE A 112 9.12 6.49 23.76
N GLU A 113 9.73 6.63 22.59
CA GLU A 113 9.22 5.98 21.39
C GLU A 113 10.04 4.71 21.18
N ALA A 114 9.39 3.56 21.36
CA ALA A 114 10.06 2.27 21.22
C ALA A 114 9.83 1.73 19.81
N SER A 115 10.91 1.55 19.06
CA SER A 115 10.81 1.13 17.66
C SER A 115 11.78 0.01 17.30
N ALA A 116 11.47 -0.67 16.19
CA ALA A 116 12.26 -1.78 15.67
C ALA A 116 12.36 -2.98 16.62
N PHE A 117 11.54 -3.01 17.68
CA PHE A 117 11.48 -4.18 18.53
C PHE A 117 10.71 -5.31 17.85
N GLY A 119 9.95 -8.07 19.83
CA GLY A 119 9.14 -8.50 20.96
C GLY A 119 9.59 -7.73 22.18
N ILE A 120 9.19 -8.20 23.36
CA ILE A 120 9.47 -7.50 24.60
C ILE A 120 10.82 -7.95 25.18
N THR A 121 11.63 -6.99 25.58
CA THR A 121 12.96 -7.27 26.12
C THR A 121 13.03 -6.93 27.60
N PRO A 122 14.02 -7.48 28.31
CA PRO A 122 14.26 -7.15 29.72
C PRO A 122 14.35 -5.65 29.98
N ALA A 123 15.03 -4.91 29.09
CA ALA A 123 15.22 -3.48 29.27
C ALA A 123 13.89 -2.73 29.26
N LEU A 124 13.02 -3.07 28.32
CA LEU A 124 11.70 -2.45 28.25
C LEU A 124 10.88 -2.72 29.51
N VAL A 125 10.91 -3.97 29.97
CA VAL A 125 10.17 -4.35 31.16
C VAL A 125 10.68 -3.58 32.38
N ILE A 126 11.99 -3.44 32.48
CA ILE A 126 12.60 -2.69 33.57
C ILE A 126 12.10 -1.25 33.57
N TYR A 127 12.03 -0.66 32.38
CA TYR A 127 11.64 0.74 32.26
C TYR A 127 10.18 0.96 32.67
N ARG A 128 9.32 0.13 32.10
CA ARG A 128 7.89 0.14 32.34
C ARG A 128 7.51 -0.06 33.79
N ALA A 129 8.18 -1.03 34.41
CA ALA A 129 7.78 -1.54 35.71
C ALA A 129 8.42 -0.82 36.88
N LYS A 130 9.49 -0.07 36.63
CA LYS A 130 10.24 0.56 37.72
C LYS A 130 9.40 1.54 38.55
N GLY A 131 8.90 2.60 37.92
CA GLY A 131 8.17 3.63 38.62
C GLY A 131 6.84 3.23 39.25
N LEU A 132 6.34 2.04 38.89
CA LEU A 132 4.98 1.63 39.25
C LEU A 132 4.62 1.78 40.73
N SER A 133 3.48 2.40 40.96
CA SER A 133 2.91 2.56 42.30
C SER A 133 1.43 2.22 42.28
N ARG A 134 0.93 1.76 43.42
CA ARG A 134 -0.50 1.52 43.58
C ARG A 134 -1.16 2.82 44.03
N ASN A 135 -2.19 3.25 43.31
CA ASN A 135 -2.99 4.40 43.73
C ASN A 135 -3.97 4.03 44.83
N HIS A 136 -4.36 5.04 45.61
CA HIS A 136 -5.31 4.86 46.70
C HIS A 136 -6.59 4.16 46.23
N ASP A 137 -7.04 4.44 45.01
CA ASP A 137 -8.28 3.83 44.51
C ASP A 137 -8.08 2.41 43.98
N GLY A 138 -6.87 1.86 44.14
CA GLY A 138 -6.58 0.52 43.68
C GLY A 138 -5.98 0.47 42.28
N SER A 139 -5.95 1.61 41.60
CA SER A 139 -5.43 1.67 40.24
C SER A 139 -3.90 1.75 40.26
N VAL A 140 -3.29 1.45 39.11
CA VAL A 140 -1.83 1.50 38.97
C VAL A 140 -1.34 2.87 38.50
N SER A 141 -0.50 3.50 39.31
CA SER A 141 0.17 4.74 38.91
C SER A 141 1.38 4.42 38.03
N VAL A 142 1.27 4.73 36.74
CA VAL A 142 2.33 4.46 35.78
C VAL A 142 3.20 5.69 35.55
N GLN A 143 4.47 5.63 35.94
CA GLN A 143 5.39 6.75 35.77
C GLN A 143 5.97 6.81 34.36
N ASN A 144 6.34 5.66 33.83
CA ASN A 144 7.12 5.60 32.60
C ASN A 144 6.30 5.10 31.43
N LYS A 145 6.05 6.00 30.48
CA LYS A 145 5.15 5.75 29.36
C LYS A 145 5.89 5.29 28.11
N ILE A 146 5.20 4.50 27.29
CA ILE A 146 5.76 3.96 26.07
C ILE A 146 4.80 4.08 24.89
N ILE A 147 5.27 4.72 23.82
CA ILE A 147 4.57 4.67 22.55
C ILE A 147 5.34 3.73 21.63
N ALA A 148 4.74 2.58 21.33
CA ALA A 148 5.40 1.56 20.53
C ALA A 148 5.11 1.80 19.06
N LYS A 149 6.16 1.91 18.26
CA LYS A 149 6.01 2.06 16.82
C LYS A 149 6.28 0.71 16.17
N VAL A 150 5.26 0.18 15.49
CA VAL A 150 5.29 -1.19 15.01
C VAL A 150 4.62 -1.32 13.64
N SER A 151 4.95 -2.39 12.93
CA SER A 151 4.32 -2.70 11.65
C SER A 151 3.65 -4.06 11.65
N ARG A 152 4.01 -4.91 12.62
CA ARG A 152 3.55 -6.30 12.65
C ARG A 152 2.52 -6.56 13.76
N PRO A 153 1.39 -7.21 13.41
CA PRO A 153 0.37 -7.56 14.41
C PRO A 153 0.90 -8.25 15.66
N GLU A 154 1.82 -9.20 15.49
CA GLU A 154 2.26 -10.01 16.62
C GLU A 154 3.16 -9.21 17.57
N VAL A 155 3.78 -8.15 17.06
CA VAL A 155 4.58 -7.27 17.90
C VAL A 155 3.67 -6.33 18.69
N ALA A 156 2.68 -5.79 18.00
CA ALA A 156 1.62 -5.00 18.64
C ALA A 156 0.97 -5.78 19.77
N GLU A 157 0.64 -7.03 19.49
CA GLU A 157 -0.01 -7.89 20.47
C GLU A 157 0.88 -8.06 21.68
N ALA A 158 2.16 -8.30 21.43
CA ALA A 158 3.14 -8.39 22.50
C ALA A 158 3.12 -7.12 23.36
N PHE A 159 2.95 -5.97 22.70
CA PHE A 159 2.90 -4.69 23.41
C PHE A 159 1.56 -4.43 24.08
N LEU A 160 0.49 -5.00 23.52
CA LEU A 160 -0.83 -4.90 24.15
C LEU A 160 -0.97 -5.85 25.34
N ASN A 161 -0.04 -6.79 25.48
CA ASN A 161 -0.01 -7.69 26.63
C ASN A 161 0.82 -7.13 27.77
N PRO A 162 0.65 -7.66 28.99
CA PRO A 162 1.50 -7.23 30.11
C PRO A 162 2.90 -7.77 29.95
N ALA A 163 3.86 -7.24 30.71
CA ALA A 163 5.22 -7.78 30.75
C ALA A 163 5.17 -9.29 30.89
N PRO A 164 5.88 -10.03 30.02
CA PRO A 164 5.84 -11.49 30.15
C PRO A 164 6.37 -11.95 31.51
N ALA A 165 5.73 -12.97 32.08
CA ALA A 165 5.96 -13.33 33.47
C ALA A 165 7.37 -13.84 33.76
N HIS A 166 7.96 -14.56 32.80
CA HIS A 166 9.27 -15.16 33.03
C HIS A 166 10.36 -14.09 33.09
N VAL A 167 10.16 -12.98 32.38
CA VAL A 167 11.12 -11.87 32.42
C VAL A 167 11.03 -11.14 33.76
N LEU A 168 9.82 -10.99 34.28
CA LEU A 168 9.61 -10.32 35.55
C LEU A 168 10.22 -11.12 36.68
N GLU A 169 9.86 -12.40 36.73
CA GLU A 169 10.37 -13.34 37.73
C GLU A 169 11.89 -13.27 37.79
N ARG A 170 12.53 -13.32 36.63
CA ARG A 170 13.98 -13.20 36.53
C ARG A 170 14.51 -11.88 37.08
N LEU A 171 13.89 -10.77 36.70
CA LEU A 171 14.37 -9.45 37.12
C LEU A 171 14.19 -9.23 38.61
N VAL A 172 13.18 -9.87 39.19
CA VAL A 172 12.99 -9.85 40.63
C VAL A 172 14.13 -10.62 41.32
N SER A 173 14.38 -11.84 40.84
CA SER A 173 15.51 -12.64 41.31
C SER A 173 16.80 -11.83 41.34
N ASP A 174 17.02 -11.03 40.30
CA ASP A 174 18.26 -10.28 40.14
C ASP A 174 18.21 -8.93 40.84
N ASN A 175 17.15 -8.71 41.62
CA ASN A 175 16.95 -7.45 42.32
C ASN A 175 17.02 -6.22 41.40
N ARG A 176 16.45 -6.35 40.20
CA ARG A 176 16.28 -5.20 39.31
C ARG A 176 14.90 -4.58 39.56
N LEU A 177 13.93 -5.44 39.85
CA LEU A 177 12.59 -5.00 40.23
C LEU A 177 12.22 -5.55 41.60
N THR A 178 11.34 -4.86 42.30
CA THR A 178 10.76 -5.38 43.54
C THR A 178 9.57 -6.26 43.19
N ALA A 179 9.18 -7.13 44.10
CA ALA A 179 8.03 -8.02 43.86
C ALA A 179 6.77 -7.20 43.62
N GLY A 180 6.65 -6.08 44.32
CA GLY A 180 5.52 -5.18 44.17
C GLY A 180 5.44 -4.60 42.77
N GLU A 181 6.56 -4.07 42.28
CA GLU A 181 6.64 -3.54 40.93
C GLU A 181 6.26 -4.60 39.91
N ALA A 182 6.74 -5.83 40.13
CA ALA A 182 6.49 -6.94 39.22
C ALA A 182 5.04 -7.37 39.27
N ALA A 183 4.43 -7.26 40.45
CA ALA A 183 3.03 -7.59 40.61
C ALA A 183 2.14 -6.60 39.87
N LEU A 184 2.39 -5.31 40.10
CA LEU A 184 1.68 -4.24 39.40
C LEU A 184 1.80 -4.35 37.89
N ALA A 185 2.97 -4.76 37.41
CA ALA A 185 3.23 -4.86 35.98
C ALA A 185 2.31 -5.86 35.29
N LYS A 186 1.74 -6.78 36.05
CA LYS A 186 0.91 -7.84 35.47
C LYS A 186 -0.43 -7.33 34.95
N GLU A 187 -0.89 -6.20 35.47
CA GLU A 187 -2.23 -5.69 35.17
C GLU A 187 -2.23 -4.41 34.32
N ILE A 188 -1.09 -4.08 33.73
CA ILE A 188 -1.03 -3.00 32.73
C ILE A 188 -0.31 -3.51 31.48
N PRO A 189 -0.60 -2.91 30.32
CA PRO A 189 0.06 -3.34 29.08
C PRO A 189 1.49 -2.82 28.97
N ALA A 191 2.77 -1.15 26.34
CA ALA A 191 2.71 0.17 25.74
C ALA A 191 1.38 0.86 26.04
N ASP A 192 1.44 2.17 26.20
CA ASP A 192 0.24 2.99 26.37
C ASP A 192 -0.36 3.32 25.01
N ASP A 193 0.47 3.21 23.96
CA ASP A 193 0.07 3.60 22.62
C ASP A 193 0.84 2.80 21.57
N ILE A 194 0.13 2.47 20.49
CA ILE A 194 0.74 1.80 19.35
C ILE A 194 0.64 2.70 18.14
N CYS A 195 1.80 3.14 17.64
CA CYS A 195 1.85 3.88 16.39
C CYS A 195 2.12 2.91 15.25
N VAL A 196 1.10 2.65 14.45
CA VAL A 196 1.21 1.68 13.38
C VAL A 196 1.83 2.33 12.16
N GLU A 197 2.97 1.77 11.74
CA GLU A 197 3.77 2.38 10.69
C GLU A 197 3.57 1.67 9.35
N ALA A 198 3.21 2.45 8.34
CA ALA A 198 2.80 1.93 7.04
C ALA A 198 3.88 2.19 6.00
N THR A 211 -4.64 -0.49 4.91
CA THR A 211 -5.46 -1.67 5.17
C THR A 211 -5.09 -2.30 6.50
N LEU A 212 -3.90 -2.01 6.99
CA LEU A 212 -3.47 -2.50 8.29
C LEU A 212 -4.19 -1.76 9.42
N PRO A 214 -7.44 -0.59 10.04
CA PRO A 214 -8.69 -1.07 10.65
C PRO A 214 -8.50 -2.39 11.37
N ALA A 215 -7.58 -3.21 10.86
CA ALA A 215 -7.28 -4.51 11.44
C ALA A 215 -6.69 -4.37 12.83
N ILE A 217 -7.04 -1.93 14.96
CA ILE A 217 -8.06 -1.43 15.88
C ILE A 217 -8.86 -2.57 16.50
N ARG A 218 -9.27 -3.54 15.69
CA ARG A 218 -9.99 -4.70 16.20
C ARG A 218 -9.14 -5.49 17.19
N LEU A 219 -7.87 -5.69 16.84
CA LEU A 219 -6.93 -6.38 17.71
C LEU A 219 -6.82 -5.65 19.04
N ARG A 220 -6.83 -4.33 18.99
CA ARG A 220 -6.74 -3.52 20.20
C ARG A 220 -7.94 -3.81 21.09
N ASP A 221 -9.14 -3.68 20.50
CA ASP A 221 -10.39 -3.93 21.22
C ASP A 221 -10.41 -5.32 21.85
N ARG A 222 -10.01 -6.32 21.07
CA ARG A 222 -9.90 -7.69 21.56
C ARG A 222 -9.06 -7.78 22.83
N GLU A 225 -10.77 -6.15 26.02
CA GLU A 225 -11.72 -7.09 26.61
C GLU A 225 -11.00 -8.17 27.41
N LYS A 226 -9.99 -8.79 26.80
CA LYS A 226 -9.25 -9.90 27.40
C LYS A 226 -8.66 -9.60 28.78
N HIS A 227 -8.01 -8.44 28.92
CA HIS A 227 -7.31 -8.10 30.16
C HIS A 227 -8.03 -7.07 31.01
N GLY A 228 -9.06 -6.43 30.45
CA GLY A 228 -9.81 -5.42 31.17
C GLY A 228 -8.94 -4.33 31.76
N TYR A 229 -8.00 -3.81 30.96
CA TYR A 229 -7.15 -2.71 31.40
C TYR A 229 -8.03 -1.53 31.78
N ALA A 230 -7.55 -0.72 32.72
CA ALA A 230 -8.30 0.44 33.17
C ALA A 230 -8.31 1.54 32.11
N LYS A 231 -7.16 1.75 31.47
CA LYS A 231 -7.01 2.79 30.45
C LYS A 231 -6.87 2.18 29.06
N LYS A 232 -7.63 2.70 28.11
CA LYS A 232 -7.58 2.21 26.74
C LYS A 232 -6.25 2.55 26.08
N VAL A 233 -5.71 1.58 25.36
CA VAL A 233 -4.50 1.78 24.58
C VAL A 233 -4.93 2.27 23.20
N ARG A 234 -4.45 3.45 22.80
CA ARG A 234 -4.89 4.01 21.53
C ARG A 234 -4.03 3.48 20.41
N ILE A 235 -4.59 3.53 19.21
CA ILE A 235 -3.91 3.12 18.01
C ILE A 235 -3.80 4.31 17.07
N GLY A 236 -2.57 4.66 16.71
CA GLY A 236 -2.30 5.78 15.83
C GLY A 236 -1.67 5.30 14.54
N ALA A 237 -1.40 6.25 13.64
CA ALA A 237 -0.87 5.94 12.32
C ALA A 237 0.31 6.83 11.95
N ALA A 238 1.29 6.25 11.28
CA ALA A 238 2.40 7.01 10.70
C ALA A 238 2.86 6.36 9.40
N GLY A 239 3.43 7.16 8.51
CA GLY A 239 3.89 6.67 7.23
C GLY A 239 3.04 7.21 6.09
N GLY A 240 3.66 7.96 5.20
CA GLY A 240 2.98 8.48 4.02
C GLY A 240 2.16 9.73 4.27
N ILE A 241 2.23 10.27 5.49
CA ILE A 241 1.41 11.41 5.85
C ILE A 241 2.20 12.71 5.73
N GLY A 242 1.82 13.53 4.76
CA GLY A 242 2.52 14.77 4.47
C GLY A 242 1.57 15.87 4.04
N THR A 243 0.27 15.57 4.04
CA THR A 243 -0.75 16.49 3.56
C THR A 243 -2.03 16.35 4.37
N PRO A 244 -2.90 17.38 4.31
CA PRO A 244 -4.22 17.26 4.95
C PRO A 244 -5.02 16.05 4.46
N GLU A 245 -4.92 15.72 3.18
CA GLU A 245 -5.66 14.59 2.62
C GLU A 245 -5.22 13.29 3.25
N ALA A 246 -3.91 13.06 3.27
CA ALA A 246 -3.35 11.85 3.86
C ALA A 246 -3.72 11.75 5.33
N ALA A 247 -3.65 12.88 6.03
CA ALA A 247 -3.94 12.91 7.46
C ALA A 247 -5.43 12.72 7.71
N ALA A 248 -6.25 13.29 6.83
CA ALA A 248 -7.69 13.14 6.93
C ALA A 248 -8.07 11.67 6.73
N ALA A 249 -7.42 11.03 5.77
CA ALA A 249 -7.70 9.63 5.48
C ALA A 249 -7.34 8.76 6.68
N ALA A 250 -6.20 9.05 7.31
CA ALA A 250 -5.75 8.27 8.45
C ALA A 250 -6.74 8.35 9.62
N PHE A 251 -7.23 9.55 9.91
CA PHE A 251 -8.20 9.72 11.00
C PHE A 251 -9.54 9.07 10.66
N LEU A 252 -9.95 9.18 9.40
CA LEU A 252 -11.19 8.56 8.95
C LEU A 252 -11.08 7.05 9.13
N LEU A 253 -9.91 6.49 8.82
CA LEU A 253 -9.67 5.06 8.93
C LEU A 253 -9.58 4.62 10.40
N GLY A 254 -9.64 5.57 11.32
CA GLY A 254 -9.70 5.25 12.74
C GLY A 254 -8.47 5.61 13.56
N ALA A 255 -7.46 6.22 12.93
CA ALA A 255 -6.27 6.67 13.66
C ALA A 255 -6.68 7.61 14.78
N GLU A 256 -6.21 7.31 15.99
CA GLU A 256 -6.57 8.08 17.18
C GLU A 256 -5.50 9.13 17.49
N PHE A 257 -4.41 9.05 16.74
CA PHE A 257 -3.38 10.09 16.69
C PHE A 257 -2.55 9.79 15.46
N ILE A 258 -1.77 10.77 14.99
CA ILE A 258 -0.89 10.52 13.85
C ILE A 258 0.52 10.99 14.14
N GLY A 259 1.48 10.39 13.44
CA GLY A 259 2.86 10.79 13.52
C GLY A 259 3.40 11.13 12.15
N THR A 260 4.32 12.08 12.10
CA THR A 260 4.99 12.45 10.85
C THR A 260 6.50 12.32 11.02
N GLY A 261 7.19 12.18 9.89
CA GLY A 261 8.63 12.07 9.90
C GLY A 261 9.29 12.87 8.79
N SER A 262 9.09 12.43 7.56
CA SER A 262 9.78 12.98 6.40
C SER A 262 9.65 14.50 6.28
N ILE A 263 8.44 15.02 6.51
CA ILE A 263 8.22 16.46 6.35
C ILE A 263 9.02 17.27 7.37
N ASN A 264 9.38 16.64 8.48
CA ASN A 264 10.06 17.35 9.55
C ASN A 264 11.57 17.47 9.31
N GLN A 265 12.13 16.57 8.50
CA GLN A 265 13.55 16.64 8.20
C GLN A 265 13.84 17.90 7.39
N CYS A 266 12.83 18.38 6.66
CA CYS A 266 12.99 19.56 5.82
C CYS A 266 12.42 20.78 6.52
N THR A 267 12.97 21.07 7.70
CA THR A 267 12.59 22.25 8.48
C THR A 267 13.84 22.94 9.00
N VAL A 268 13.68 24.16 9.51
CA VAL A 268 14.78 24.87 10.13
C VAL A 268 15.41 24.07 11.27
N GLU A 269 14.55 23.45 12.09
CA GLU A 269 15.00 22.87 13.35
C GLU A 269 15.73 21.54 13.21
N ALA A 270 15.55 20.85 12.09
CA ALA A 270 16.10 19.50 11.93
C ALA A 270 17.63 19.50 11.95
N GLY A 271 18.19 18.53 12.65
CA GLY A 271 19.63 18.40 12.79
C GLY A 271 20.32 17.74 11.60
N THR A 272 20.22 18.35 10.43
CA THR A 272 21.00 17.91 9.28
C THR A 272 21.45 19.12 8.48
N SER A 273 22.29 18.91 7.47
CA SER A 273 22.93 19.99 6.74
C SER A 273 21.98 20.77 5.84
N ASP A 274 22.35 22.02 5.56
CA ASP A 274 21.62 22.87 4.64
C ASP A 274 21.47 22.26 3.25
N SER A 275 22.53 21.59 2.78
CA SER A 275 22.52 21.06 1.42
C SER A 275 21.55 19.89 1.33
N VAL A 276 21.53 19.05 2.37
CA VAL A 276 20.52 18.01 2.48
C VAL A 276 19.12 18.61 2.36
N LYS A 277 18.89 19.70 3.08
CA LYS A 277 17.56 20.32 3.10
C LYS A 277 17.22 20.96 1.76
N ASP A 278 18.22 21.46 1.04
CA ASP A 278 18.02 22.01 -0.29
C ASP A 278 17.56 20.91 -1.25
N LEU A 279 18.15 19.73 -1.12
CA LEU A 279 17.75 18.57 -1.91
C LEU A 279 16.32 18.17 -1.56
N LEU A 280 16.04 18.09 -0.25
CA LEU A 280 14.72 17.69 0.23
C LEU A 280 13.61 18.63 -0.21
N GLN A 281 13.90 19.92 -0.29
CA GLN A 281 12.91 20.90 -0.71
C GLN A 281 12.42 20.63 -2.13
N GLU A 282 13.29 20.08 -2.96
CA GLU A 282 12.97 19.85 -4.37
C GLU A 282 12.39 18.46 -4.65
N ALA A 283 12.26 17.65 -3.62
CA ALA A 283 11.77 16.27 -3.78
C ALA A 283 10.32 16.24 -4.25
N ASN A 284 10.03 15.29 -5.13
CA ASN A 284 8.65 15.00 -5.54
C ASN A 284 8.27 13.62 -5.03
N VAL A 285 7.01 13.25 -5.16
CA VAL A 285 6.51 11.97 -4.69
C VAL A 285 7.31 10.78 -5.24
N GLN A 286 7.74 10.89 -6.47
CA GLN A 286 8.31 9.79 -7.19
C GLN A 286 9.82 9.70 -7.00
N ASP A 287 10.38 10.58 -6.17
CA ASP A 287 11.83 10.77 -6.06
C ASP A 287 12.51 9.95 -4.97
N THR A 288 11.79 8.98 -4.41
CA THR A 288 12.35 8.10 -3.40
C THR A 288 12.30 6.64 -3.84
N SER A 289 13.12 5.81 -3.19
CA SER A 289 13.13 4.38 -3.46
C SER A 289 13.69 3.69 -2.23
N TYR A 290 13.69 2.35 -2.24
CA TYR A 290 14.16 1.59 -1.09
C TYR A 290 15.63 1.25 -1.20
N ALA A 291 16.28 1.17 -0.03
CA ALA A 291 17.68 0.80 0.06
C ALA A 291 17.89 0.14 1.42
N PRO A 292 18.95 -0.68 1.53
CA PRO A 292 19.15 -1.34 2.82
C PRO A 292 19.60 -0.37 3.91
N ALA A 293 19.23 -0.68 5.16
CA ALA A 293 19.65 0.11 6.30
C ALA A 293 20.93 -0.48 6.88
N GLY A 294 21.86 0.39 7.27
CA GLY A 294 23.14 -0.02 7.81
C GLY A 294 23.03 -0.93 9.03
N ASP A 295 22.27 -0.49 10.03
CA ASP A 295 22.18 -1.19 11.30
C ASP A 295 21.50 -2.56 11.20
N PHE A 297 21.69 -4.46 8.09
CA PHE A 297 22.14 -4.76 6.72
C PHE A 297 21.97 -6.23 6.34
N GLU A 298 22.48 -7.13 7.18
CA GLU A 298 22.50 -8.56 6.87
C GLU A 298 21.09 -9.12 6.73
N ALA A 299 20.27 -8.89 7.75
CA ALA A 299 18.90 -9.39 7.78
C ALA A 299 18.13 -9.08 6.49
N GLY A 300 18.52 -8.00 5.83
CA GLY A 300 17.90 -7.60 4.57
C GLY A 300 16.82 -6.56 4.76
N ALA A 301 16.90 -5.84 5.88
CA ALA A 301 15.95 -4.76 6.15
C ALA A 301 16.18 -3.60 5.18
N ARG A 302 15.08 -2.99 4.75
CA ARG A 302 15.12 -1.90 3.79
C ARG A 302 14.43 -0.67 4.34
N VAL A 303 14.88 0.50 3.87
CA VAL A 303 14.31 1.77 4.29
C VAL A 303 14.24 2.68 3.07
N GLN A 304 13.37 3.69 3.13
CA GLN A 304 13.18 4.59 2.00
C GLN A 304 14.17 5.74 2.06
N VAL A 305 14.72 6.09 0.90
CA VAL A 305 15.72 7.14 0.82
C VAL A 305 15.47 8.01 -0.40
N LEU A 306 16.04 9.21 -0.38
CA LEU A 306 15.97 10.10 -1.53
C LEU A 306 16.78 9.48 -2.67
N LYS A 307 16.21 9.50 -3.87
CA LYS A 307 16.79 8.80 -5.02
C LYS A 307 17.28 9.79 -6.08
N LYS A 308 16.37 10.67 -6.50
CA LYS A 308 16.64 11.63 -7.58
C LYS A 308 17.99 12.33 -7.43
N GLY A 309 18.91 12.01 -8.34
CA GLY A 309 20.16 12.75 -8.48
C GLY A 309 21.28 12.16 -7.65
N LEU A 310 21.04 11.01 -7.04
CA LEU A 310 21.94 10.45 -6.04
C LEU A 310 22.32 9.01 -6.39
N PHE A 311 23.57 8.66 -6.13
CA PHE A 311 24.09 7.33 -6.43
C PHE A 311 23.96 6.36 -5.27
N PHE A 312 23.79 6.88 -4.06
CA PHE A 312 23.82 6.03 -2.85
C PHE A 312 22.86 4.85 -2.93
N PRO A 313 21.60 5.08 -3.36
CA PRO A 313 20.65 3.96 -3.37
C PRO A 313 21.13 2.77 -4.19
N ALA A 314 21.51 3.02 -5.44
CA ALA A 314 22.05 1.97 -6.32
C ALA A 314 23.27 1.29 -5.69
N ARG A 315 24.17 2.10 -5.14
CA ARG A 315 25.42 1.60 -4.58
C ARG A 315 25.17 0.75 -3.34
N ALA A 316 24.31 1.22 -2.44
CA ALA A 316 23.95 0.47 -1.24
C ALA A 316 23.30 -0.85 -1.62
N ASN A 317 22.43 -0.82 -2.62
CA ASN A 317 21.77 -2.03 -3.10
C ASN A 317 22.78 -3.03 -3.68
N LYS A 318 23.73 -2.53 -4.45
CA LYS A 318 24.78 -3.35 -5.03
C LYS A 318 25.53 -4.13 -3.95
N LEU A 319 25.96 -3.42 -2.92
CA LEU A 319 26.72 -4.03 -1.84
C LEU A 319 25.95 -5.16 -1.15
N PHE A 320 24.63 -5.02 -1.07
CA PHE A 320 23.82 -6.07 -0.47
C PHE A 320 23.76 -7.29 -1.38
N ASP A 321 23.68 -7.05 -2.69
CA ASP A 321 23.69 -8.11 -3.67
C ASP A 321 24.98 -8.91 -3.65
N LEU A 322 26.08 -8.26 -3.28
CA LEU A 322 27.37 -8.94 -3.22
C LEU A 322 27.52 -9.72 -1.90
N TYR A 323 27.06 -9.12 -0.81
CA TYR A 323 27.00 -9.83 0.47
C TYR A 323 26.13 -11.08 0.34
N ARG A 324 25.01 -10.90 -0.34
CA ARG A 324 24.04 -11.96 -0.55
C ARG A 324 24.68 -13.16 -1.26
N GLN A 325 25.45 -12.84 -2.30
CA GLN A 325 26.00 -13.83 -3.21
C GLN A 325 27.32 -14.46 -2.73
N TYR A 326 28.39 -13.68 -2.71
CA TYR A 326 29.69 -14.19 -2.24
C TYR A 326 29.67 -14.48 -0.74
N ASN A 327 30.73 -15.14 -0.26
CA ASN A 327 30.88 -15.45 1.16
C ASN A 327 32.12 -14.78 1.75
N SER A 328 32.80 -13.96 0.96
CA SER A 328 34.01 -13.28 1.41
C SER A 328 34.37 -12.12 0.48
N LEU A 329 35.24 -11.24 0.96
CA LEU A 329 35.69 -10.09 0.17
C LEU A 329 36.55 -10.52 -1.01
N ASP A 330 37.45 -11.47 -0.77
CA ASP A 330 38.35 -11.98 -1.79
C ASP A 330 37.60 -12.50 -3.02
N GLU A 331 36.50 -13.21 -2.78
CA GLU A 331 35.70 -13.80 -3.85
C GLU A 331 35.22 -12.81 -4.91
N ILE A 332 35.12 -11.53 -4.55
CA ILE A 332 34.63 -10.52 -5.50
C ILE A 332 35.59 -10.38 -6.67
N ASP A 333 35.04 -10.41 -7.88
CA ASP A 333 35.84 -10.24 -9.10
C ASP A 333 36.47 -8.86 -9.17
N GLU A 334 37.73 -8.83 -9.58
CA GLU A 334 38.57 -7.63 -9.54
C GLU A 334 37.97 -6.39 -10.21
N LYS A 335 37.07 -6.56 -11.18
CA LYS A 335 36.54 -5.40 -11.90
C LYS A 335 35.51 -4.64 -11.06
N THR A 336 34.66 -5.36 -10.35
CA THR A 336 33.70 -4.75 -9.44
C THR A 336 34.41 -4.32 -8.17
N LYS A 337 35.38 -5.11 -7.74
CA LYS A 337 36.23 -4.74 -6.61
C LYS A 337 36.92 -3.40 -6.86
N THR A 338 37.28 -3.14 -8.10
CA THR A 338 37.92 -1.88 -8.46
C THR A 338 36.90 -0.75 -8.49
N LEU A 339 35.68 -1.09 -8.90
CA LEU A 339 34.57 -0.13 -8.88
C LEU A 339 34.29 0.37 -7.47
N ILE A 340 34.05 -0.57 -6.56
CA ILE A 340 33.75 -0.24 -5.17
C ILE A 340 34.86 0.59 -4.53
N GLU A 341 36.10 0.15 -4.69
CA GLU A 341 37.24 0.82 -4.07
C GLU A 341 37.42 2.24 -4.61
N GLU A 342 37.41 2.38 -5.93
CA GLU A 342 37.68 3.67 -6.54
C GLU A 342 36.49 4.64 -6.47
N LYS A 343 35.28 4.14 -6.75
CA LYS A 343 34.12 5.02 -6.90
C LYS A 343 33.28 5.09 -5.63
N TYR A 344 32.86 3.96 -5.10
CA TYR A 344 32.03 3.97 -3.89
C TYR A 344 32.79 4.53 -2.69
N PHE A 345 33.88 3.84 -2.32
CA PHE A 345 34.61 4.12 -1.07
C PHE A 345 35.60 5.27 -1.17
N GLN A 346 36.23 5.43 -2.34
CA GLN A 346 37.43 6.26 -2.49
C GLN A 346 38.50 5.79 -1.51
N ARG A 347 38.65 4.47 -1.40
CA ARG A 347 39.51 3.81 -0.43
C ARG A 347 39.53 2.32 -0.73
N SER A 348 40.64 1.65 -0.42
CA SER A 348 40.74 0.21 -0.65
C SER A 348 40.05 -0.55 0.47
N PHE A 349 39.69 -1.81 0.21
CA PHE A 349 39.15 -2.68 1.24
C PHE A 349 40.06 -2.74 2.45
N GLU A 350 41.35 -2.93 2.21
CA GLU A 350 42.34 -2.96 3.29
C GLU A 350 42.34 -1.67 4.12
N GLU A 351 42.28 -0.53 3.44
CA GLU A 351 42.28 0.76 4.14
C GLU A 351 41.07 0.87 5.05
N VAL A 352 39.90 0.49 4.54
CA VAL A 352 38.68 0.47 5.32
C VAL A 352 38.81 -0.40 6.57
N TYR A 353 39.12 -1.68 6.38
CA TYR A 353 39.23 -2.62 7.50
C TYR A 353 40.16 -2.13 8.59
N GLU A 354 41.25 -1.47 8.19
CA GLU A 354 42.20 -0.92 9.15
C GLU A 354 41.60 0.25 9.90
N GLN A 355 40.87 1.10 9.19
CA GLN A 355 40.12 2.18 9.84
C GLN A 355 39.12 1.60 10.84
N LEU A 356 38.45 0.51 10.46
CA LEU A 356 37.48 -0.14 11.32
C LEU A 356 38.12 -0.72 12.59
N LYS A 357 39.35 -1.21 12.47
CA LYS A 357 40.06 -1.72 13.64
C LYS A 357 40.21 -0.63 14.70
N ARG A 358 40.46 0.59 14.24
CA ARG A 358 40.63 1.73 15.12
C ARG A 358 39.31 2.08 15.83
N ASP A 359 38.22 2.04 15.07
CA ASP A 359 36.91 2.48 15.58
C ASP A 359 36.24 1.44 16.49
N LYS A 360 36.07 0.22 15.97
CA LYS A 360 35.21 -0.77 16.60
C LYS A 360 35.84 -1.46 17.82
N SER A 361 35.01 -2.22 18.52
CA SER A 361 35.46 -3.00 19.67
C SER A 361 36.30 -4.19 19.23
N PRO A 362 37.32 -4.55 20.03
CA PRO A 362 38.10 -5.76 19.76
C PRO A 362 37.23 -6.99 19.53
N GLU A 363 36.12 -7.10 20.26
CA GLU A 363 35.25 -8.26 20.16
C GLU A 363 34.66 -8.36 18.76
N GLN A 364 34.33 -7.22 18.18
CA GLN A 364 33.77 -7.17 16.82
C GLN A 364 34.81 -7.53 15.77
N ILE A 365 36.02 -7.02 15.93
CA ILE A 365 37.12 -7.37 15.02
C ILE A 365 37.38 -8.87 15.11
N ALA A 366 37.51 -9.37 16.33
CA ALA A 366 37.72 -10.79 16.58
C ALA A 366 36.74 -11.66 15.78
N LYS A 367 35.46 -11.28 15.81
CA LYS A 367 34.44 -12.01 15.04
C LYS A 367 34.65 -11.94 13.54
N ALA A 368 35.18 -10.82 13.06
CA ALA A 368 35.40 -10.66 11.63
C ALA A 368 36.63 -11.44 11.20
N GLU A 369 37.62 -11.49 12.09
CA GLU A 369 38.84 -12.23 11.83
C GLU A 369 38.56 -13.73 11.66
N GLN A 370 37.60 -14.25 12.42
CA GLN A 370 37.23 -15.66 12.32
C GLN A 370 36.24 -15.92 11.17
N ASN A 371 35.30 -15.01 10.98
CA ASN A 371 34.24 -15.20 9.98
C ASN A 371 34.42 -14.26 8.78
N PRO A 372 34.67 -14.84 7.58
CA PRO A 372 34.88 -13.97 6.41
C PRO A 372 33.59 -13.33 5.90
N LYS A 373 32.46 -13.90 6.28
CA LYS A 373 31.16 -13.39 5.85
C LYS A 373 30.89 -12.08 6.58
N HIS A 374 31.02 -12.13 7.91
CA HIS A 374 30.83 -10.96 8.76
C HIS A 374 31.85 -9.85 8.47
N LYS A 375 33.09 -10.24 8.14
CA LYS A 375 34.13 -9.26 7.81
C LYS A 375 33.68 -8.44 6.60
N ALA A 377 30.42 -7.78 5.47
CA ALA A 377 29.35 -6.86 5.85
C ALA A 377 29.89 -5.66 6.59
N VAL A 379 32.68 -4.31 6.41
CA VAL A 379 33.38 -3.42 5.50
C VAL A 379 32.39 -2.63 4.64
N PHE A 380 31.33 -3.30 4.18
CA PHE A 380 30.27 -2.61 3.44
C PHE A 380 29.51 -1.63 4.32
N LYS A 381 29.36 -1.97 5.60
CA LYS A 381 28.64 -1.09 6.52
C LYS A 381 29.34 0.24 6.69
N TRP A 382 30.66 0.26 6.49
CA TRP A 382 31.40 1.51 6.51
C TRP A 382 30.82 2.50 5.51
N TYR A 383 30.36 2.00 4.37
CA TYR A 383 29.80 2.85 3.33
C TYR A 383 28.58 3.60 3.86
N PHE A 384 27.74 2.90 4.62
CA PHE A 384 26.53 3.49 5.18
C PHE A 384 26.83 4.57 6.22
N SER A 385 27.71 4.27 7.17
CA SER A 385 28.07 5.26 8.18
C SER A 385 28.80 6.44 7.55
N HIS A 386 29.63 6.16 6.55
CA HIS A 386 30.35 7.20 5.84
C HIS A 386 29.40 8.13 5.08
N THR A 387 28.43 7.56 4.37
CA THR A 387 27.50 8.35 3.58
C THR A 387 26.50 9.10 4.46
N THR A 388 26.17 8.51 5.59
CA THR A 388 25.33 9.19 6.58
C THR A 388 26.07 10.42 7.08
N ARG A 389 27.34 10.24 7.41
CA ARG A 389 28.18 11.34 7.90
C ARG A 389 28.30 12.44 6.84
N LEU A 390 28.51 12.05 5.59
CA LEU A 390 28.57 13.00 4.48
C LEU A 390 27.31 13.87 4.42
N ALA A 391 26.15 13.26 4.59
CA ALA A 391 24.88 13.98 4.56
C ALA A 391 24.76 14.96 5.72
N LEU A 392 25.07 14.50 6.93
CA LEU A 392 24.92 15.32 8.14
C LEU A 392 25.84 16.53 8.08
N GLU A 393 27.06 16.33 7.59
CA GLU A 393 28.02 17.41 7.42
C GLU A 393 27.69 18.17 6.14
N GLY A 394 27.69 19.50 6.23
CA GLY A 394 27.40 20.35 5.08
C GLY A 394 28.44 20.29 3.97
N LYS A 395 29.55 19.62 4.22
CA LYS A 395 30.83 19.94 3.57
C LYS A 395 30.99 19.50 2.12
N SER A 396 30.93 18.19 1.89
CA SER A 396 31.16 17.62 0.55
C SER A 396 30.40 18.38 -0.52
N GLU A 397 31.10 18.76 -1.59
CA GLU A 397 30.47 19.43 -2.72
C GLU A 397 29.79 18.39 -3.60
N SER A 398 30.40 17.22 -3.70
CA SER A 398 29.75 16.08 -4.32
C SER A 398 28.63 15.60 -3.38
N LYS A 399 27.38 15.74 -3.84
CA LYS A 399 26.22 15.35 -3.05
C LYS A 399 25.80 13.94 -3.43
N ILE A 400 26.54 13.37 -4.36
CA ILE A 400 26.17 12.13 -5.03
C ILE A 400 26.04 10.92 -4.11
N ASP A 401 26.79 10.93 -3.01
CA ASP A 401 26.84 9.78 -2.10
C ASP A 401 25.97 9.95 -0.86
N TYR A 402 25.33 11.11 -0.73
CA TYR A 402 24.54 11.40 0.47
C TYR A 402 23.46 10.36 0.74
N GLN A 403 23.54 9.71 1.89
CA GLN A 403 22.47 8.85 2.38
C GLN A 403 21.42 9.69 3.08
N ILE A 404 20.26 9.81 2.46
CA ILE A 404 19.19 10.66 2.96
C ILE A 404 17.90 9.86 3.04
N HIS A 405 17.44 9.58 4.25
CA HIS A 405 16.21 8.83 4.44
C HIS A 405 15.03 9.77 4.22
N CYS A 406 14.05 9.29 3.47
CA CYS A 406 12.93 10.14 3.04
C CYS A 406 11.89 9.30 2.30
N GLY A 407 10.62 9.62 2.53
CA GLY A 407 9.52 8.94 1.86
C GLY A 407 8.75 9.92 0.99
N PRO A 408 7.80 9.40 0.19
CA PRO A 408 6.99 10.24 -0.71
C PRO A 408 6.16 11.30 0.02
N ALA A 409 5.92 11.12 1.31
CA ALA A 409 5.18 12.09 2.10
C ALA A 409 5.73 13.50 1.91
N LEU A 410 7.05 13.64 1.84
CA LEU A 410 7.68 14.94 1.70
C LEU A 410 7.35 15.54 0.34
N GLY A 411 7.44 14.71 -0.70
CA GLY A 411 7.08 15.13 -2.04
C GLY A 411 5.67 15.69 -2.05
N ALA A 412 4.76 15.00 -1.37
CA ALA A 412 3.37 15.44 -1.30
C ALA A 412 3.26 16.79 -0.58
N PHE A 413 3.98 16.93 0.53
CA PHE A 413 4.02 18.19 1.27
C PHE A 413 4.53 19.32 0.38
N ASN A 414 5.62 19.07 -0.33
CA ASN A 414 6.21 20.06 -1.23
C ASN A 414 5.21 20.57 -2.27
N GLN A 415 4.40 19.66 -2.80
CA GLN A 415 3.43 20.05 -3.82
C GLN A 415 2.31 20.86 -3.18
N TRP A 416 1.94 20.47 -1.96
CA TRP A 416 0.95 21.20 -1.18
C TRP A 416 1.34 22.66 -0.91
N VAL A 417 2.61 22.91 -0.62
CA VAL A 417 3.05 24.26 -0.24
C VAL A 417 3.78 24.98 -1.37
N LYS A 418 3.84 24.35 -2.54
CA LYS A 418 4.38 25.01 -3.73
C LYS A 418 3.74 26.38 -3.94
N GLY A 419 4.57 27.37 -4.22
CA GLY A 419 4.11 28.73 -4.47
C GLY A 419 3.50 29.43 -3.26
N THR A 420 3.90 29.00 -2.07
CA THR A 420 3.48 29.65 -0.82
C THR A 420 4.72 30.09 -0.04
N PRO A 421 4.53 30.95 0.97
CA PRO A 421 5.62 31.28 1.91
C PRO A 421 6.35 30.05 2.48
N LEU A 422 5.66 28.92 2.59
CA LEU A 422 6.27 27.72 3.18
C LEU A 422 7.18 26.94 2.22
N GLU A 423 7.27 27.38 0.97
CA GLU A 423 8.02 26.63 -0.03
C GLU A 423 9.49 26.50 0.34
N ASN A 424 10.07 27.59 0.83
CA ASN A 424 11.47 27.61 1.24
C ASN A 424 11.60 26.98 2.62
N TRP A 425 12.43 25.94 2.75
CA TRP A 425 12.53 25.22 4.02
C TRP A 425 12.98 26.14 5.15
N ARG A 426 13.62 27.25 4.79
CA ARG A 426 14.07 28.22 5.77
C ARG A 426 12.88 28.94 6.43
N ASN A 427 11.70 28.81 5.83
CA ASN A 427 10.47 29.30 6.46
C ASN A 427 9.60 28.16 7.00
N ARG A 428 10.14 26.95 6.98
CA ARG A 428 9.41 25.79 7.52
C ARG A 428 9.84 25.50 8.94
N HIS A 429 8.92 25.73 9.88
CA HIS A 429 9.15 25.44 11.28
C HIS A 429 8.32 24.22 11.68
N VAL A 430 8.96 23.30 12.39
CA VAL A 430 8.36 22.01 12.69
C VAL A 430 7.03 22.14 13.45
N ASP A 431 6.95 23.11 14.35
CA ASP A 431 5.73 23.30 15.12
C ASP A 431 4.62 23.92 14.27
N LEU A 432 4.99 24.84 13.38
CA LEU A 432 4.00 25.56 12.57
C LEU A 432 3.41 24.72 11.44
N ILE A 433 4.25 23.92 10.77
CA ILE A 433 3.74 23.07 9.71
C ILE A 433 2.86 21.99 10.34
N GLY A 434 3.28 21.53 11.52
CA GLY A 434 2.45 20.64 12.32
C GLY A 434 1.08 21.19 12.59
N LYS A 435 1.02 22.42 13.11
CA LYS A 435 -0.24 23.08 13.41
C LYS A 435 -1.08 23.23 12.15
N GLN A 436 -0.46 23.70 11.08
CA GLN A 436 -1.18 23.96 9.84
C GLN A 436 -1.73 22.67 9.26
N LEU A 437 -0.94 21.61 9.33
CA LEU A 437 -1.39 20.31 8.82
C LEU A 437 -2.64 19.86 9.57
N GLU A 439 -4.77 21.71 11.48
CA GLU A 439 -5.92 22.60 11.33
C GLU A 439 -6.59 22.39 9.97
N GLU A 440 -5.79 22.28 8.93
CA GLU A 440 -6.31 22.08 7.57
C GLU A 440 -6.89 20.68 7.44
N THR A 441 -6.25 19.70 8.06
CA THR A 441 -6.79 18.34 8.13
C THR A 441 -8.21 18.36 8.69
N ALA A 442 -8.39 19.05 9.81
CA ALA A 442 -9.71 19.15 10.45
C ALA A 442 -10.74 19.79 9.54
N GLY A 443 -10.35 20.86 8.85
CA GLY A 443 -11.26 21.58 7.97
C GLY A 443 -11.65 20.73 6.78
N LEU A 444 -10.66 20.07 6.19
CA LEU A 444 -10.89 19.17 5.06
C LEU A 444 -11.87 18.06 5.43
N LEU A 445 -11.65 17.39 6.56
CA LEU A 445 -12.54 16.32 6.98
C LEU A 445 -13.98 16.77 7.15
N ALA A 446 -14.17 17.90 7.83
CA ALA A 446 -15.51 18.37 8.10
C ALA A 446 -16.20 18.78 6.80
N GLN A 447 -15.49 19.53 5.96
CA GLN A 447 -16.06 20.02 4.72
C GLN A 447 -16.44 18.89 3.75
N ARG A 448 -15.61 17.86 3.68
CA ARG A 448 -15.86 16.75 2.76
C ARG A 448 -16.90 15.77 3.28
N LEU A 449 -16.86 15.47 4.58
CA LEU A 449 -17.85 14.58 5.19
C LEU A 449 -19.25 15.20 5.08
N VAL A 450 -19.32 16.52 5.16
CA VAL A 450 -20.58 17.23 5.00
C VAL A 450 -21.06 17.05 3.56
N SER A 451 -20.16 17.32 2.63
CA SER A 451 -20.41 17.14 1.21
C SER A 451 -20.86 15.71 0.87
N ILE A 452 -20.18 14.72 1.45
CA ILE A 452 -20.36 13.32 1.06
C ILE A 452 -21.60 12.67 1.66
N THR A 453 -22.00 13.14 2.84
CA THR A 453 -23.16 12.56 3.54
C THR A 453 -24.39 13.47 3.45
N GLY A 454 -24.24 14.61 2.78
CA GLY A 454 -25.31 15.57 2.66
C GLY A 454 -26.51 15.05 1.88
N PRO B 6 -37.28 9.22 -1.38
CA PRO B 6 -38.06 8.07 -1.85
C PRO B 6 -37.71 6.77 -1.13
N GLN B 7 -37.54 6.83 0.19
CA GLN B 7 -37.16 5.67 0.98
C GLN B 7 -35.72 5.24 0.74
N LYS B 8 -34.88 6.09 0.13
CA LYS B 8 -33.51 5.66 -0.11
C LYS B 8 -32.69 5.78 1.16
N THR B 9 -31.94 4.71 1.42
CA THR B 9 -31.07 4.58 2.57
C THR B 9 -29.84 5.49 2.47
N ALA B 10 -29.08 5.54 3.56
CA ALA B 10 -27.84 6.32 3.59
C ALA B 10 -26.84 5.76 2.58
N GLY B 11 -26.78 4.44 2.46
CA GLY B 11 -25.93 3.79 1.49
C GLY B 11 -26.22 4.23 0.07
N ARG B 13 -27.48 7.14 -0.81
CA ARG B 13 -27.22 8.57 -0.99
C ARG B 13 -25.78 8.84 -1.38
N LEU B 14 -24.89 7.90 -1.05
CA LEU B 14 -23.47 8.06 -1.34
C LEU B 14 -23.21 8.18 -2.83
N GLY B 15 -22.16 8.93 -3.17
CA GLY B 15 -21.67 9.01 -4.53
C GLY B 15 -22.53 9.87 -5.43
N ASN B 16 -22.16 9.92 -6.71
CA ASN B 16 -22.70 10.90 -7.63
C ASN B 16 -24.12 10.53 -8.08
N GLU B 17 -25.01 11.51 -8.05
CA GLU B 17 -26.42 11.26 -8.32
C GLU B 17 -26.69 10.98 -9.80
N ASP B 18 -25.93 11.62 -10.68
CA ASP B 18 -26.11 11.41 -12.11
C ASP B 18 -25.58 10.06 -12.53
N PHE B 19 -24.55 9.58 -11.82
CA PHE B 19 -24.04 8.24 -12.05
C PHE B 19 -25.15 7.22 -11.79
N LYS B 20 -25.82 7.35 -10.64
CA LYS B 20 -26.92 6.46 -10.30
C LYS B 20 -28.12 6.61 -11.25
N LYS B 21 -28.46 7.85 -11.60
CA LYS B 21 -29.55 8.11 -12.53
C LYS B 21 -29.26 7.55 -13.91
N ASP B 22 -28.10 7.90 -14.46
CA ASP B 22 -27.71 7.46 -15.81
C ASP B 22 -27.79 5.95 -15.99
N TYR B 23 -27.42 5.19 -14.96
CA TYR B 23 -27.41 3.74 -15.05
C TYR B 23 -28.62 3.10 -14.38
N ASN B 24 -29.55 3.95 -13.93
CA ASN B 24 -30.78 3.47 -13.28
C ASN B 24 -30.46 2.47 -12.16
N ILE B 25 -29.54 2.86 -11.28
CA ILE B 25 -29.18 2.03 -10.14
C ILE B 25 -29.39 2.82 -8.85
N GLN B 26 -29.38 2.09 -7.72
CA GLN B 26 -29.66 2.68 -6.42
C GLN B 26 -28.39 2.97 -5.62
N TYR B 27 -27.29 2.33 -6.00
CA TYR B 27 -26.00 2.53 -5.35
C TYR B 27 -24.92 2.96 -6.33
N ALA B 28 -24.03 3.84 -5.89
CA ALA B 28 -22.87 4.23 -6.67
C ALA B 28 -21.80 3.16 -6.48
N TYR B 29 -22.09 1.97 -7.03
CA TYR B 29 -21.35 0.77 -6.69
C TYR B 29 -21.35 -0.20 -7.87
N THR B 31 -19.62 -4.08 -9.25
CA THR B 31 -18.77 -5.26 -9.16
C THR B 31 -17.96 -5.35 -10.44
N GLY B 32 -16.64 -5.46 -10.30
CA GLY B 32 -15.76 -5.51 -11.43
C GLY B 32 -15.77 -6.86 -12.14
N SER B 33 -15.41 -6.84 -13.41
CA SER B 33 -15.32 -8.05 -14.20
C SER B 33 -14.32 -9.04 -13.63
N TYR B 35 -12.47 -12.68 -15.11
CA TYR B 35 -12.32 -13.44 -16.35
C TYR B 35 -12.92 -14.84 -16.30
N ARG B 36 -13.07 -15.42 -17.49
CA ARG B 36 -13.59 -16.78 -17.67
C ARG B 36 -14.89 -17.01 -16.91
N GLY B 37 -15.72 -15.97 -16.81
CA GLY B 37 -17.04 -16.08 -16.26
C GLY B 37 -17.09 -16.21 -14.74
N ILE B 38 -15.97 -15.94 -14.08
CA ILE B 38 -15.95 -15.91 -12.62
C ILE B 38 -16.90 -14.82 -12.17
N ALA B 39 -16.88 -13.69 -12.87
CA ALA B 39 -18.00 -12.74 -12.81
C ALA B 39 -19.08 -13.35 -13.67
N SER B 40 -19.92 -14.15 -13.03
CA SER B 40 -20.84 -15.04 -13.73
C SER B 40 -22.15 -14.39 -14.13
N GLU B 41 -22.88 -15.06 -15.02
CA GLU B 41 -24.24 -14.64 -15.36
C GLU B 41 -25.06 -14.51 -14.09
N GLN B 42 -24.97 -15.51 -13.22
CA GLN B 42 -25.70 -15.53 -11.95
C GLN B 42 -25.38 -14.31 -11.10
N VAL B 44 -24.05 -11.32 -12.17
CA VAL B 44 -24.50 -10.10 -12.82
C VAL B 44 -26.00 -9.92 -12.64
N ILE B 45 -26.74 -11.02 -12.73
CA ILE B 45 -28.19 -10.99 -12.60
C ILE B 45 -28.56 -10.59 -11.16
N LYS B 46 -27.87 -11.17 -10.20
CA LYS B 46 -28.14 -10.88 -8.78
C LYS B 46 -27.83 -9.43 -8.46
N ALA B 47 -26.80 -8.88 -9.09
CA ALA B 47 -26.41 -7.50 -8.85
C ALA B 47 -27.40 -6.53 -9.50
N ALA B 48 -27.79 -6.83 -10.74
CA ALA B 48 -28.72 -5.99 -11.47
C ALA B 48 -30.08 -5.88 -10.77
N LYS B 49 -30.56 -7.01 -10.23
CA LYS B 49 -31.86 -7.05 -9.58
C LYS B 49 -31.86 -6.33 -8.23
N ALA B 50 -30.68 -6.08 -7.70
CA ALA B 50 -30.55 -5.43 -6.40
C ALA B 50 -30.15 -3.95 -6.58
N GLY B 51 -30.17 -3.48 -7.82
CA GLY B 51 -30.03 -2.07 -8.10
C GLY B 51 -28.59 -1.60 -8.04
N LEU B 53 -24.50 -2.14 -10.16
CA LEU B 53 -23.87 -2.37 -11.45
C LEU B 53 -23.00 -3.62 -11.43
N GLY B 54 -23.29 -4.56 -12.33
CA GLY B 54 -22.49 -5.76 -12.46
C GLY B 54 -21.98 -5.93 -13.87
N PHE B 55 -20.74 -6.41 -13.99
CA PHE B 55 -20.12 -6.64 -15.28
C PHE B 55 -19.76 -8.10 -15.47
N PHE B 56 -20.12 -8.65 -16.62
CA PHE B 56 -19.84 -10.06 -16.90
C PHE B 56 -18.41 -10.23 -17.40
N GLY B 57 -17.76 -11.29 -16.92
CA GLY B 57 -16.36 -11.52 -17.18
C GLY B 57 -16.10 -12.26 -18.48
N THR B 58 -15.97 -11.51 -19.56
CA THR B 58 -15.78 -12.09 -20.88
C THR B 58 -14.36 -12.56 -21.15
N GLY B 59 -13.42 -12.11 -20.31
CA GLY B 59 -12.02 -12.44 -20.48
C GLY B 59 -11.77 -13.93 -20.70
N GLY B 60 -11.19 -14.24 -21.86
CA GLY B 60 -10.77 -15.60 -22.17
C GLY B 60 -11.89 -16.54 -22.54
N LEU B 61 -13.06 -16.00 -22.89
CA LEU B 61 -14.17 -16.81 -23.37
C LEU B 61 -14.37 -16.60 -24.87
N SER B 62 -14.95 -17.60 -25.52
CA SER B 62 -15.26 -17.52 -26.94
C SER B 62 -16.42 -16.56 -27.18
N ILE B 63 -16.48 -16.01 -28.38
CA ILE B 63 -17.59 -15.15 -28.78
C ILE B 63 -18.93 -15.87 -28.66
N GLU B 64 -18.95 -17.16 -28.99
CA GLU B 64 -20.17 -17.94 -28.88
C GLU B 64 -20.62 -18.03 -27.42
N ARG B 65 -19.64 -18.23 -26.53
CA ARG B 65 -19.91 -18.35 -25.11
C ARG B 65 -20.42 -17.02 -24.55
N ILE B 66 -19.79 -15.93 -24.96
CA ILE B 66 -20.20 -14.60 -24.53
C ILE B 66 -21.63 -14.30 -24.96
N GLY B 67 -21.95 -14.64 -26.21
CA GLY B 67 -23.29 -14.43 -26.73
C GLY B 67 -24.33 -15.21 -25.95
N GLN B 68 -23.92 -16.38 -25.47
CA GLN B 68 -24.78 -17.22 -24.65
C GLN B 68 -25.01 -16.56 -23.30
N ALA B 69 -23.98 -15.92 -22.76
CA ALA B 69 -24.09 -15.19 -21.51
C ALA B 69 -25.08 -14.04 -21.65
N ILE B 70 -25.04 -13.35 -22.78
CA ILE B 70 -25.93 -12.21 -23.01
C ILE B 70 -27.39 -12.66 -22.98
N GLY B 71 -27.69 -13.75 -23.68
CA GLY B 71 -29.04 -14.27 -23.75
C GLY B 71 -29.59 -14.62 -22.39
N THR B 72 -28.78 -15.31 -21.59
CA THR B 72 -29.20 -15.74 -20.26
C THR B 72 -29.50 -14.55 -19.36
N ILE B 73 -28.61 -13.56 -19.40
CA ILE B 73 -28.74 -12.38 -18.56
C ILE B 73 -29.95 -11.55 -18.96
N ARG B 74 -30.13 -11.31 -20.26
CA ARG B 74 -31.27 -10.55 -20.75
C ARG B 74 -32.59 -11.22 -20.36
N SER B 75 -32.68 -12.52 -20.58
CA SER B 75 -33.89 -13.27 -20.27
C SER B 75 -34.26 -13.15 -18.79
N ALA B 76 -33.25 -13.11 -17.92
CA ALA B 76 -33.51 -13.01 -16.48
C ALA B 76 -33.79 -11.57 -16.05
N LEU B 77 -33.33 -10.61 -16.85
CA LEU B 77 -33.55 -9.20 -16.54
C LEU B 77 -34.65 -8.62 -17.43
N ARG B 78 -35.87 -8.65 -16.91
CA ARG B 78 -37.08 -8.33 -17.66
C ARG B 78 -37.80 -7.10 -17.13
N GLN B 79 -37.06 -6.23 -16.45
CA GLN B 79 -37.58 -4.93 -16.02
C GLN B 79 -36.62 -3.83 -16.46
N GLY B 80 -35.88 -4.10 -17.53
CA GLY B 80 -34.95 -3.14 -18.09
C GLY B 80 -33.76 -2.84 -17.19
N GLU B 81 -33.44 -3.77 -16.30
CA GLU B 81 -32.27 -3.59 -15.43
C GLU B 81 -31.00 -3.44 -16.25
N THR B 82 -30.17 -2.48 -15.84
CA THR B 82 -28.88 -2.27 -16.45
C THR B 82 -27.89 -3.37 -16.05
N PHE B 83 -27.04 -3.76 -17.00
CA PHE B 83 -25.90 -4.61 -16.71
C PHE B 83 -24.84 -4.33 -17.76
N GLY B 84 -23.60 -4.75 -17.51
CA GLY B 84 -22.52 -4.50 -18.42
C GLY B 84 -21.72 -5.73 -18.81
N ASN B 86 -17.59 -6.95 -19.79
CA ASN B 86 -16.18 -6.61 -19.87
C ASN B 86 -15.73 -6.54 -21.33
N LEU B 87 -14.92 -5.54 -21.64
CA LEU B 87 -14.14 -5.55 -22.87
C LEU B 87 -12.67 -5.44 -22.49
N LEU B 88 -12.00 -6.58 -22.49
CA LEU B 88 -10.62 -6.67 -22.03
C LEU B 88 -9.67 -6.60 -23.20
N HIS B 89 -8.80 -5.58 -23.19
CA HIS B 89 -7.83 -5.39 -24.25
C HIS B 89 -6.67 -6.37 -24.15
N HIS B 90 -6.34 -7.01 -25.26
CA HIS B 90 -5.08 -7.76 -25.38
C HIS B 90 -4.33 -7.28 -26.62
N SER B 93 -4.49 -9.84 -29.87
CA SER B 93 -5.73 -10.27 -30.50
C SER B 93 -6.74 -9.13 -30.71
N PRO B 94 -6.41 -8.18 -31.58
CA PRO B 94 -7.30 -7.03 -31.79
C PRO B 94 -8.60 -7.40 -32.48
N ASP B 95 -8.62 -8.54 -33.17
CA ASP B 95 -9.82 -8.94 -33.91
C ASP B 95 -10.87 -9.53 -32.98
N LYS B 96 -10.44 -10.12 -31.87
CA LYS B 96 -11.36 -10.63 -30.87
C LYS B 96 -12.16 -9.46 -30.30
N GLU B 97 -11.49 -8.34 -30.06
CA GLU B 97 -12.14 -7.13 -29.58
C GLU B 97 -13.18 -6.60 -30.57
N VAL B 98 -12.81 -6.52 -31.85
CA VAL B 98 -13.73 -6.05 -32.87
C VAL B 98 -14.94 -6.97 -32.95
N ARG B 99 -14.70 -8.27 -32.87
CA ARG B 99 -15.78 -9.25 -32.93
C ARG B 99 -16.65 -9.16 -31.68
N ILE B 101 -17.18 -6.32 -29.92
CA ILE B 101 -17.97 -5.11 -30.15
C ILE B 101 -19.15 -5.40 -31.09
N ASP B 102 -18.86 -6.07 -32.20
CA ASP B 102 -19.90 -6.42 -33.16
C ASP B 102 -21.00 -7.24 -32.49
N LEU B 103 -20.60 -8.14 -31.60
CA LEU B 103 -21.57 -8.96 -30.88
C LEU B 103 -22.40 -8.09 -29.93
N TYR B 104 -21.73 -7.13 -29.28
CA TYR B 104 -22.40 -6.22 -28.38
C TYR B 104 -23.41 -5.33 -29.12
N LEU B 105 -23.00 -4.78 -30.25
CA LEU B 105 -23.89 -3.94 -31.05
C LEU B 105 -25.11 -4.72 -31.52
N LYS B 106 -24.90 -5.95 -31.98
CA LYS B 106 -25.99 -6.77 -32.47
C LYS B 106 -26.97 -7.19 -31.37
N ASN B 107 -26.48 -7.31 -30.13
CA ASN B 107 -27.31 -7.83 -29.04
C ASN B 107 -27.73 -6.86 -27.93
N GLY B 108 -27.81 -5.58 -28.23
CA GLY B 108 -28.29 -4.62 -27.25
C GLY B 108 -27.39 -4.23 -26.09
N ILE B 109 -26.11 -4.60 -26.13
CA ILE B 109 -25.22 -4.30 -25.02
C ILE B 109 -24.86 -2.82 -25.09
N HIS B 110 -25.30 -2.07 -24.09
CA HIS B 110 -25.13 -0.62 -24.07
C HIS B 110 -24.21 -0.15 -22.94
N LEU B 111 -23.56 -1.10 -22.26
CA LEU B 111 -22.63 -0.76 -21.20
C LEU B 111 -21.47 -1.74 -21.17
N ILE B 112 -20.26 -1.21 -21.26
CA ILE B 112 -19.06 -2.03 -21.11
C ILE B 112 -18.12 -1.48 -20.05
N GLU B 113 -17.37 -2.37 -19.43
CA GLU B 113 -16.20 -2.01 -18.66
C GLU B 113 -14.99 -2.24 -19.54
N ALA B 114 -14.34 -1.15 -19.95
CA ALA B 114 -13.18 -1.23 -20.82
C ALA B 114 -11.92 -1.19 -19.96
N SER B 115 -11.12 -2.26 -20.02
CA SER B 115 -9.95 -2.37 -19.16
C SER B 115 -8.71 -2.84 -19.91
N ALA B 116 -7.55 -2.56 -19.32
CA ALA B 116 -6.23 -2.89 -19.88
C ALA B 116 -5.91 -2.21 -21.20
N PHE B 117 -6.71 -1.22 -21.61
CA PHE B 117 -6.37 -0.44 -22.79
C PHE B 117 -5.21 0.50 -22.49
N GLY B 119 -4.64 2.85 -24.99
CA GLY B 119 -5.20 4.01 -25.63
C GLY B 119 -6.48 3.63 -26.35
N ILE B 120 -6.95 4.51 -27.24
CA ILE B 120 -8.22 4.31 -27.91
C ILE B 120 -8.03 3.53 -29.20
N THR B 121 -8.87 2.53 -29.41
CA THR B 121 -8.79 1.66 -30.57
C THR B 121 -10.00 1.85 -31.48
N PRO B 122 -9.87 1.42 -32.75
CA PRO B 122 -11.01 1.47 -33.68
C PRO B 122 -12.27 0.81 -33.13
N ALA B 123 -12.11 -0.32 -32.46
CA ALA B 123 -13.26 -1.06 -31.93
C ALA B 123 -14.03 -0.23 -30.90
N LEU B 124 -13.30 0.44 -30.00
CA LEU B 124 -13.93 1.30 -28.99
C LEU B 124 -14.68 2.46 -29.66
N VAL B 125 -14.06 3.09 -30.65
CA VAL B 125 -14.68 4.21 -31.35
C VAL B 125 -15.95 3.77 -32.06
N ILE B 126 -15.89 2.61 -32.72
CA ILE B 126 -17.05 2.07 -33.40
C ILE B 126 -18.20 1.91 -32.42
N TYR B 127 -17.88 1.39 -31.23
CA TYR B 127 -18.89 1.14 -30.21
C TYR B 127 -19.48 2.44 -29.69
N ARG B 128 -18.59 3.36 -29.34
CA ARG B 128 -18.99 4.67 -28.82
C ARG B 128 -19.88 5.45 -29.80
N ALA B 129 -19.51 5.41 -31.08
CA ALA B 129 -20.15 6.31 -32.05
C ALA B 129 -21.36 5.69 -32.74
N LYS B 130 -21.47 4.37 -32.73
CA LYS B 130 -22.58 3.70 -33.41
C LYS B 130 -23.89 4.06 -32.74
N GLY B 131 -24.84 4.56 -33.51
CA GLY B 131 -26.14 4.95 -32.97
C GLY B 131 -26.28 6.41 -32.56
N LEU B 132 -25.18 7.13 -32.44
CA LEU B 132 -25.24 8.54 -32.01
C LEU B 132 -26.19 9.32 -32.89
N SER B 133 -27.11 10.05 -32.26
CA SER B 133 -28.00 10.95 -32.98
C SER B 133 -28.17 12.26 -32.20
N ARG B 134 -28.51 13.33 -32.91
CA ARG B 134 -28.80 14.61 -32.29
C ARG B 134 -30.25 14.68 -31.84
N ASN B 135 -30.46 15.01 -30.57
CA ASN B 135 -31.82 15.24 -30.09
C ASN B 135 -32.27 16.65 -30.48
N HIS B 136 -33.58 16.80 -30.62
CA HIS B 136 -34.17 18.09 -30.93
C HIS B 136 -33.79 19.16 -29.90
N ASP B 137 -33.62 18.75 -28.65
CA ASP B 137 -33.30 19.70 -27.59
C ASP B 137 -31.81 20.09 -27.61
N GLY B 138 -31.09 19.65 -28.63
CA GLY B 138 -29.69 19.98 -28.81
C GLY B 138 -28.68 19.00 -28.23
N SER B 139 -29.16 18.05 -27.42
CA SER B 139 -28.26 17.09 -26.79
C SER B 139 -27.90 15.93 -27.72
N VAL B 140 -26.81 15.25 -27.39
CA VAL B 140 -26.38 14.05 -28.11
C VAL B 140 -27.00 12.82 -27.46
N SER B 141 -27.74 12.05 -28.24
CA SER B 141 -28.26 10.78 -27.76
C SER B 141 -27.18 9.71 -27.84
N VAL B 142 -26.67 9.31 -26.68
CA VAL B 142 -25.61 8.30 -26.59
C VAL B 142 -26.21 6.93 -26.27
N GLN B 143 -26.10 6.00 -27.20
CA GLN B 143 -26.67 4.66 -26.99
C GLN B 143 -25.74 3.79 -26.13
N ASN B 144 -24.45 3.86 -26.44
CA ASN B 144 -23.47 2.92 -25.92
C ASN B 144 -22.51 3.54 -24.91
N LYS B 145 -22.64 3.12 -23.66
CA LYS B 145 -21.89 3.72 -22.55
C LYS B 145 -20.63 2.93 -22.24
N ILE B 146 -19.62 3.64 -21.74
CA ILE B 146 -18.33 3.04 -21.42
C ILE B 146 -17.85 3.51 -20.06
N ILE B 147 -17.58 2.57 -19.17
CA ILE B 147 -16.85 2.85 -17.95
C ILE B 147 -15.44 2.31 -18.14
N ALA B 148 -14.48 3.23 -18.22
CA ALA B 148 -13.09 2.88 -18.48
C ALA B 148 -12.37 2.64 -17.16
N LYS B 149 -11.75 1.46 -17.03
CA LYS B 149 -10.97 1.15 -15.85
C LYS B 149 -9.48 1.32 -16.16
N VAL B 150 -8.84 2.23 -15.44
CA VAL B 150 -7.50 2.68 -15.79
C VAL B 150 -6.67 2.92 -14.53
N SER B 151 -5.35 2.89 -14.70
CA SER B 151 -4.43 3.20 -13.62
C SER B 151 -3.51 4.37 -13.96
N ARG B 152 -3.42 4.68 -15.25
CA ARG B 152 -2.47 5.67 -15.74
C ARG B 152 -3.17 6.97 -16.18
N PRO B 153 -2.65 8.12 -15.74
CA PRO B 153 -3.22 9.41 -16.16
C PRO B 153 -3.37 9.56 -17.67
N GLU B 154 -2.39 9.14 -18.44
CA GLU B 154 -2.42 9.39 -19.89
C GLU B 154 -3.46 8.52 -20.58
N VAL B 155 -3.83 7.40 -19.96
CA VAL B 155 -4.90 6.56 -20.48
C VAL B 155 -6.24 7.17 -20.11
N ALA B 156 -6.36 7.61 -18.86
CA ALA B 156 -7.53 8.36 -18.42
C ALA B 156 -7.80 9.53 -19.35
N GLU B 157 -6.74 10.26 -19.68
CA GLU B 157 -6.85 11.44 -20.53
C GLU B 157 -7.36 11.06 -21.92
N ALA B 158 -6.81 9.98 -22.47
CA ALA B 158 -7.26 9.47 -23.76
C ALA B 158 -8.77 9.19 -23.73
N PHE B 159 -9.27 8.68 -22.61
CA PHE B 159 -10.69 8.38 -22.46
C PHE B 159 -11.52 9.64 -22.17
N LEU B 160 -10.92 10.64 -21.55
CA LEU B 160 -11.61 11.92 -21.31
C LEU B 160 -11.69 12.78 -22.57
N ASN B 161 -10.93 12.41 -23.60
CA ASN B 161 -10.98 13.09 -24.89
C ASN B 161 -12.02 12.45 -25.81
N PRO B 162 -12.43 13.18 -26.87
CA PRO B 162 -13.34 12.59 -27.85
C PRO B 162 -12.61 11.55 -28.70
N ALA B 163 -13.34 10.70 -29.41
CA ALA B 163 -12.74 9.76 -30.37
C ALA B 163 -11.71 10.48 -31.24
N PRO B 164 -10.49 9.92 -31.35
CA PRO B 164 -9.49 10.61 -32.17
C PRO B 164 -9.95 10.73 -33.62
N ALA B 165 -9.64 11.86 -34.25
CA ALA B 165 -10.23 12.23 -35.54
C ALA B 165 -9.79 11.32 -36.68
N HIS B 166 -8.55 10.85 -36.65
CA HIS B 166 -8.04 10.06 -37.76
C HIS B 166 -8.71 8.69 -37.80
N VAL B 167 -9.11 8.17 -36.64
CA VAL B 167 -9.82 6.90 -36.57
C VAL B 167 -11.24 7.05 -37.12
N LEU B 168 -11.87 8.17 -36.80
CA LEU B 168 -13.23 8.44 -37.26
C LEU B 168 -13.27 8.57 -38.77
N GLU B 169 -12.38 9.42 -39.28
CA GLU B 169 -12.24 9.67 -40.71
C GLU B 169 -12.13 8.35 -41.47
N ARG B 170 -11.23 7.50 -40.99
CA ARG B 170 -11.05 6.16 -41.56
C ARG B 170 -12.31 5.30 -41.52
N LEU B 171 -12.99 5.27 -40.37
CA LEU B 171 -14.17 4.43 -40.21
C LEU B 171 -15.33 4.91 -41.07
N VAL B 172 -15.37 6.21 -41.31
CA VAL B 172 -16.35 6.77 -42.25
C VAL B 172 -16.05 6.31 -43.67
N SER B 173 -14.79 6.46 -44.10
CA SER B 173 -14.33 5.95 -45.40
C SER B 173 -14.79 4.51 -45.63
N ASP B 174 -14.68 3.69 -44.60
CA ASP B 174 -14.97 2.27 -44.71
C ASP B 174 -16.45 1.96 -44.47
N ASN B 175 -17.26 3.00 -44.39
CA ASN B 175 -18.69 2.86 -44.10
C ASN B 175 -18.97 2.01 -42.86
N ARG B 176 -18.17 2.21 -41.81
CA ARG B 176 -18.45 1.61 -40.51
C ARG B 176 -19.28 2.60 -39.67
N LEU B 177 -18.99 3.89 -39.87
CA LEU B 177 -19.75 4.97 -39.25
C LEU B 177 -20.30 5.90 -40.33
N THR B 178 -21.41 6.56 -40.06
CA THR B 178 -21.90 7.64 -40.92
C THR B 178 -21.19 8.93 -40.55
N ALA B 179 -21.17 9.89 -41.46
CA ALA B 179 -20.53 11.17 -41.20
C ALA B 179 -21.19 11.85 -40.00
N GLY B 180 -22.50 11.68 -39.89
CA GLY B 180 -23.27 12.24 -38.78
C GLY B 180 -22.82 11.68 -37.43
N GLU B 181 -22.72 10.35 -37.36
CA GLU B 181 -22.21 9.70 -36.16
C GLU B 181 -20.82 10.21 -35.80
N ALA B 182 -19.97 10.34 -36.81
CA ALA B 182 -18.59 10.77 -36.60
C ALA B 182 -18.53 12.22 -36.15
N ALA B 183 -19.45 13.05 -36.65
CA ALA B 183 -19.53 14.45 -36.23
C ALA B 183 -19.96 14.56 -34.77
N LEU B 184 -21.04 13.87 -34.42
CA LEU B 184 -21.51 13.82 -33.04
C LEU B 184 -20.44 13.31 -32.07
N ALA B 185 -19.64 12.35 -32.51
CA ALA B 185 -18.62 11.75 -31.66
C ALA B 185 -17.58 12.77 -31.19
N LYS B 186 -17.46 13.88 -31.92
CA LYS B 186 -16.46 14.89 -31.63
C LYS B 186 -16.75 15.67 -30.34
N GLU B 187 -18.01 15.73 -29.93
CA GLU B 187 -18.39 16.58 -28.80
C GLU B 187 -18.76 15.79 -27.54
N ILE B 188 -18.44 14.50 -27.52
CA ILE B 188 -18.58 13.70 -26.31
C ILE B 188 -17.28 12.98 -26.01
N PRO B 189 -17.03 12.65 -24.73
CA PRO B 189 -15.81 11.92 -24.37
C PRO B 189 -15.90 10.45 -24.74
N ALA B 191 -15.24 7.93 -22.77
CA ALA B 191 -15.85 7.23 -21.63
C ALA B 191 -16.78 8.16 -20.85
N ASP B 192 -17.85 7.59 -20.31
CA ASP B 192 -18.76 8.32 -19.42
C ASP B 192 -18.26 8.35 -17.98
N ASP B 193 -17.38 7.41 -17.66
CA ASP B 193 -16.90 7.25 -16.29
C ASP B 193 -15.51 6.63 -16.32
N ILE B 194 -14.66 7.07 -15.39
CA ILE B 194 -13.33 6.50 -15.25
C ILE B 194 -13.24 5.83 -13.89
N CYS B 195 -13.07 4.51 -13.90
CA CYS B 195 -12.83 3.78 -12.65
C CYS B 195 -11.33 3.68 -12.47
N VAL B 196 -10.80 4.43 -11.50
CA VAL B 196 -9.36 4.49 -11.29
C VAL B 196 -8.97 3.29 -10.45
N GLU B 197 -8.11 2.42 -10.97
CA GLU B 197 -7.78 1.20 -10.25
C GLU B 197 -6.44 1.34 -9.53
N ALA B 198 -6.52 1.32 -8.20
CA ALA B 198 -5.38 1.61 -7.35
C ALA B 198 -4.96 0.43 -6.48
N ASP B 199 -4.58 -0.68 -7.10
CA ASP B 199 -4.16 -1.85 -6.33
C ASP B 199 -2.64 -1.97 -6.32
N THR B 211 -4.22 8.28 -3.37
CA THR B 211 -3.21 9.30 -3.66
C THR B 211 -3.20 9.64 -5.15
N LEU B 212 -3.63 8.68 -5.97
CA LEU B 212 -3.81 8.88 -7.39
C LEU B 212 -5.10 9.65 -7.69
N PRO B 214 -6.82 12.43 -6.30
CA PRO B 214 -6.88 13.88 -6.47
C PRO B 214 -6.26 14.33 -7.80
N ALA B 215 -5.25 13.62 -8.26
CA ALA B 215 -4.61 13.91 -9.54
C ALA B 215 -5.60 13.66 -10.68
N ILE B 217 -8.89 13.52 -10.42
CA ILE B 217 -9.99 14.46 -10.29
C ILE B 217 -9.63 15.80 -10.90
N ARG B 218 -8.42 16.28 -10.61
CA ARG B 218 -7.94 17.53 -11.20
C ARG B 218 -7.85 17.38 -12.71
N LEU B 219 -7.36 16.24 -13.18
CA LEU B 219 -7.30 15.96 -14.61
C LEU B 219 -8.70 15.96 -15.24
N ARG B 220 -9.67 15.40 -14.52
CA ARG B 220 -11.05 15.34 -15.03
C ARG B 220 -11.58 16.77 -15.21
N ASP B 221 -11.48 17.57 -14.17
CA ASP B 221 -11.96 18.96 -14.20
C ASP B 221 -11.35 19.75 -15.36
N ARG B 222 -10.03 19.64 -15.52
CA ARG B 222 -9.34 20.27 -16.65
C ARG B 222 -9.97 19.87 -17.99
N GLU B 225 -13.39 21.49 -18.56
CA GLU B 225 -13.16 22.86 -19.01
C GLU B 225 -12.73 22.89 -20.46
N LYS B 226 -11.72 22.09 -20.79
CA LYS B 226 -11.16 22.04 -22.13
C LYS B 226 -12.16 21.75 -23.25
N HIS B 227 -13.06 20.80 -23.02
CA HIS B 227 -13.98 20.36 -24.07
C HIS B 227 -15.41 20.87 -23.88
N GLY B 228 -15.69 21.40 -22.69
CA GLY B 228 -17.02 21.87 -22.36
C GLY B 228 -18.11 20.84 -22.60
N TYR B 229 -17.85 19.59 -22.18
CA TYR B 229 -18.86 18.54 -22.31
C TYR B 229 -20.12 18.93 -21.55
N ALA B 230 -21.26 18.46 -22.03
CA ALA B 230 -22.54 18.76 -21.40
C ALA B 230 -22.70 18.00 -20.08
N LYS B 231 -22.28 16.75 -20.07
CA LYS B 231 -22.37 15.90 -18.87
C LYS B 231 -21.00 15.64 -18.27
N LYS B 232 -20.89 15.82 -16.96
CA LYS B 232 -19.64 15.55 -16.26
C LYS B 232 -19.32 14.07 -16.27
N VAL B 233 -18.05 13.77 -16.52
CA VAL B 233 -17.53 12.41 -16.45
C VAL B 233 -17.15 12.17 -15.00
N ARG B 234 -17.70 11.13 -14.38
CA ARG B 234 -17.42 10.88 -12.97
C ARG B 234 -16.12 10.11 -12.84
N ILE B 235 -15.50 10.22 -11.67
CA ILE B 235 -14.28 9.49 -11.36
C ILE B 235 -14.57 8.62 -10.15
N GLY B 236 -14.37 7.32 -10.32
CA GLY B 236 -14.60 6.36 -9.24
C GLY B 236 -13.30 5.70 -8.85
N ALA B 237 -13.38 4.82 -7.85
CA ALA B 237 -12.19 4.15 -7.35
C ALA B 237 -12.44 2.66 -7.17
N ALA B 238 -11.42 1.87 -7.51
CA ALA B 238 -11.44 0.44 -7.24
C ALA B 238 -10.03 -0.01 -6.89
N GLY B 239 -9.95 -1.10 -6.13
CA GLY B 239 -8.67 -1.63 -5.69
C GLY B 239 -8.50 -1.42 -4.20
N GLY B 240 -8.39 -2.52 -3.47
CA GLY B 240 -8.14 -2.46 -2.04
C GLY B 240 -9.35 -2.23 -1.17
N ILE B 241 -10.55 -2.23 -1.78
CA ILE B 241 -11.76 -1.92 -1.05
C ILE B 241 -12.52 -3.19 -0.67
N GLY B 242 -12.55 -3.47 0.63
CA GLY B 242 -13.16 -4.68 1.16
C GLY B 242 -13.84 -4.46 2.50
N THR B 243 -13.82 -3.22 2.96
CA THR B 243 -14.35 -2.88 4.27
C THR B 243 -14.98 -1.49 4.23
N PRO B 244 -15.84 -1.18 5.22
CA PRO B 244 -16.41 0.16 5.33
C PRO B 244 -15.34 1.25 5.44
N GLU B 245 -14.25 0.96 6.14
CA GLU B 245 -13.18 1.94 6.33
C GLU B 245 -12.53 2.29 5.00
N ALA B 246 -12.13 1.27 4.25
CA ALA B 246 -11.51 1.45 2.95
C ALA B 246 -12.43 2.19 1.98
N ALA B 247 -13.72 1.88 2.04
CA ALA B 247 -14.68 2.49 1.14
C ALA B 247 -14.89 3.94 1.51
N ALA B 248 -14.91 4.20 2.81
CA ALA B 248 -15.07 5.55 3.34
C ALA B 248 -13.89 6.41 2.92
N ALA B 249 -12.70 5.83 2.95
CA ALA B 249 -11.49 6.52 2.57
C ALA B 249 -11.55 6.90 1.10
N ALA B 250 -12.03 5.99 0.27
CA ALA B 250 -12.12 6.24 -1.16
C ALA B 250 -13.06 7.42 -1.45
N PHE B 251 -14.20 7.48 -0.76
CA PHE B 251 -15.14 8.57 -0.95
C PHE B 251 -14.56 9.88 -0.43
N LEU B 252 -13.84 9.83 0.69
CA LEU B 252 -13.19 11.02 1.22
C LEU B 252 -12.20 11.59 0.20
N LEU B 253 -11.47 10.70 -0.44
CA LEU B 253 -10.46 11.10 -1.42
C LEU B 253 -11.08 11.57 -2.74
N GLY B 254 -12.41 11.48 -2.86
CA GLY B 254 -13.11 12.04 -4.01
C GLY B 254 -13.77 11.06 -4.96
N ALA B 255 -13.73 9.77 -4.65
CA ALA B 255 -14.45 8.77 -5.44
C ALA B 255 -15.93 9.11 -5.53
N GLU B 256 -16.46 9.16 -6.74
CA GLU B 256 -17.87 9.47 -6.98
C GLU B 256 -18.68 8.19 -7.17
N PHE B 257 -17.96 7.07 -7.21
CA PHE B 257 -18.55 5.74 -7.16
C PHE B 257 -17.39 4.81 -6.83
N ILE B 258 -17.68 3.59 -6.38
CA ILE B 258 -16.61 2.62 -6.11
C ILE B 258 -16.86 1.27 -6.74
N GLY B 259 -15.76 0.55 -6.97
CA GLY B 259 -15.83 -0.80 -7.48
C GLY B 259 -15.09 -1.78 -6.60
N THR B 260 -15.62 -3.00 -6.53
CA THR B 260 -15.00 -4.09 -5.78
C THR B 260 -14.74 -5.27 -6.69
N GLY B 261 -13.82 -6.15 -6.29
CA GLY B 261 -13.49 -7.33 -7.05
C GLY B 261 -13.25 -8.54 -6.17
N SER B 262 -12.16 -8.50 -5.39
CA SER B 262 -11.73 -9.65 -4.62
C SER B 262 -12.82 -10.25 -3.75
N ILE B 263 -13.58 -9.39 -3.06
CA ILE B 263 -14.60 -9.87 -2.14
C ILE B 263 -15.70 -10.61 -2.88
N ASN B 264 -15.88 -10.33 -4.17
CA ASN B 264 -16.98 -10.92 -4.92
C ASN B 264 -16.67 -12.33 -5.41
N GLN B 265 -15.38 -12.66 -5.54
CA GLN B 265 -14.99 -13.99 -5.96
C GLN B 265 -15.38 -15.01 -4.90
N CYS B 266 -15.47 -14.56 -3.65
CA CYS B 266 -15.78 -15.42 -2.52
C CYS B 266 -17.25 -15.28 -2.14
N THR B 267 -18.12 -15.56 -3.11
CA THR B 267 -19.57 -15.54 -2.90
C THR B 267 -20.20 -16.79 -3.52
N VAL B 268 -21.46 -17.04 -3.19
CA VAL B 268 -22.22 -18.13 -3.80
C VAL B 268 -22.23 -18.00 -5.33
N GLU B 269 -22.41 -16.78 -5.82
CA GLU B 269 -22.68 -16.55 -7.23
C GLU B 269 -21.44 -16.66 -8.14
N ALA B 270 -20.25 -16.51 -7.57
CA ALA B 270 -19.05 -16.44 -8.39
C ALA B 270 -18.80 -17.73 -9.17
N GLY B 271 -18.43 -17.58 -10.43
CA GLY B 271 -18.17 -18.72 -11.30
C GLY B 271 -16.80 -19.34 -11.14
N THR B 272 -16.51 -19.82 -9.94
CA THR B 272 -15.31 -20.62 -9.69
C THR B 272 -15.62 -21.76 -8.73
N SER B 273 -14.66 -22.65 -8.51
CA SER B 273 -14.92 -23.87 -7.75
C SER B 273 -15.10 -23.63 -6.27
N ASP B 274 -15.83 -24.54 -5.63
CA ASP B 274 -16.02 -24.54 -4.18
C ASP B 274 -14.69 -24.57 -3.42
N SER B 275 -13.71 -25.28 -3.96
CA SER B 275 -12.42 -25.44 -3.27
C SER B 275 -11.68 -24.10 -3.25
N VAL B 276 -11.71 -23.41 -4.39
CA VAL B 276 -11.19 -22.05 -4.47
C VAL B 276 -11.82 -21.18 -3.40
N LYS B 277 -13.14 -21.27 -3.25
CA LYS B 277 -13.86 -20.42 -2.32
C LYS B 277 -13.55 -20.78 -0.87
N ASP B 278 -13.28 -22.06 -0.61
CA ASP B 278 -12.88 -22.48 0.72
C ASP B 278 -11.56 -21.85 1.09
N LEU B 279 -10.63 -21.84 0.13
CA LEU B 279 -9.34 -21.21 0.31
C LEU B 279 -9.49 -19.70 0.52
N LEU B 280 -10.31 -19.07 -0.32
CA LEU B 280 -10.53 -17.64 -0.25
C LEU B 280 -11.13 -17.20 1.09
N GLN B 281 -12.02 -18.03 1.64
CA GLN B 281 -12.66 -17.71 2.91
C GLN B 281 -11.64 -17.59 4.05
N GLU B 282 -10.56 -18.35 3.96
CA GLU B 282 -9.57 -18.41 5.04
C GLU B 282 -8.47 -17.37 4.87
N ALA B 283 -8.52 -16.61 3.78
CA ALA B 283 -7.49 -15.61 3.50
C ALA B 283 -7.47 -14.49 4.54
N ASN B 284 -6.27 -14.07 4.90
CA ASN B 284 -6.06 -12.88 5.72
C ASN B 284 -5.31 -11.85 4.86
N VAL B 285 -5.17 -10.62 5.37
CA VAL B 285 -4.53 -9.55 4.61
C VAL B 285 -3.15 -9.94 4.07
N GLN B 286 -2.37 -10.64 4.88
CA GLN B 286 -0.98 -10.96 4.52
C GLN B 286 -0.86 -12.15 3.57
N ASP B 287 -1.98 -12.70 3.14
CA ASP B 287 -1.98 -13.99 2.45
C ASP B 287 -1.93 -13.88 0.93
N THR B 288 -1.65 -12.70 0.40
CA THR B 288 -1.50 -12.52 -1.04
C THR B 288 -0.13 -11.95 -1.36
N SER B 289 0.29 -12.15 -2.61
CA SER B 289 1.57 -11.62 -3.10
C SER B 289 1.49 -11.48 -4.61
N TYR B 290 2.54 -10.94 -5.21
CA TYR B 290 2.54 -10.70 -6.66
C TYR B 290 3.11 -11.89 -7.40
N ALA B 291 2.60 -12.10 -8.62
CA ALA B 291 3.08 -13.15 -9.50
C ALA B 291 2.86 -12.71 -10.94
N PRO B 292 3.64 -13.26 -11.88
CA PRO B 292 3.44 -12.81 -13.27
C PRO B 292 2.12 -13.28 -13.85
N ALA B 293 1.57 -12.50 -14.78
CA ALA B 293 0.34 -12.85 -15.47
C ALA B 293 0.68 -13.57 -16.77
N GLY B 294 -0.08 -14.61 -17.09
CA GLY B 294 0.14 -15.40 -18.29
C GLY B 294 0.11 -14.57 -19.56
N ASP B 295 -0.95 -13.81 -19.75
CA ASP B 295 -1.16 -13.07 -21.00
C ASP B 295 -0.13 -11.96 -21.22
N PHE B 297 3.24 -12.27 -19.85
CA PHE B 297 4.33 -12.94 -19.16
C PHE B 297 5.70 -12.34 -19.46
N GLU B 298 6.02 -12.18 -20.74
CA GLU B 298 7.35 -11.72 -21.16
C GLU B 298 7.66 -10.32 -20.63
N ALA B 299 6.74 -9.40 -20.90
CA ALA B 299 6.88 -8.00 -20.51
C ALA B 299 7.22 -7.82 -19.03
N GLY B 300 6.79 -8.77 -18.20
CA GLY B 300 7.07 -8.73 -16.77
C GLY B 300 5.96 -8.10 -15.97
N ALA B 301 4.75 -8.11 -16.54
CA ALA B 301 3.58 -7.60 -15.83
C ALA B 301 3.24 -8.53 -14.68
N ARG B 302 2.82 -7.97 -13.55
CA ARG B 302 2.54 -8.78 -12.37
C ARG B 302 1.13 -8.52 -11.85
N VAL B 303 0.59 -9.52 -11.17
CA VAL B 303 -0.76 -9.43 -10.62
C VAL B 303 -0.78 -10.09 -9.24
N GLN B 304 -1.77 -9.73 -8.42
CA GLN B 304 -1.85 -10.26 -7.06
C GLN B 304 -2.62 -11.57 -7.03
N VAL B 305 -2.10 -12.52 -6.25
CA VAL B 305 -2.68 -13.85 -6.16
C VAL B 305 -2.66 -14.34 -4.72
N LEU B 306 -3.51 -15.32 -4.41
CA LEU B 306 -3.50 -15.96 -3.10
C LEU B 306 -2.21 -16.73 -2.90
N LYS B 307 -1.58 -16.58 -1.73
CA LYS B 307 -0.25 -17.12 -1.49
C LYS B 307 -0.30 -18.24 -0.46
N LYS B 308 -0.87 -17.94 0.70
CA LYS B 308 -0.93 -18.89 1.83
C LYS B 308 -1.38 -20.29 1.43
N GLY B 309 -0.45 -21.23 1.51
CA GLY B 309 -0.77 -22.64 1.35
C GLY B 309 -0.62 -23.14 -0.08
N LEU B 310 -0.10 -22.29 -0.95
CA LEU B 310 -0.08 -22.57 -2.39
C LEU B 310 1.32 -22.41 -2.96
N PHE B 311 1.67 -23.28 -3.91
CA PHE B 311 2.98 -23.27 -4.53
C PHE B 311 3.02 -22.43 -5.80
N PHE B 312 1.86 -22.16 -6.39
CA PHE B 312 1.81 -21.49 -7.70
C PHE B 312 2.63 -20.19 -7.76
N PRO B 313 2.49 -19.32 -6.74
CA PRO B 313 3.22 -18.05 -6.80
C PRO B 313 4.72 -18.24 -6.97
N ALA B 314 5.33 -19.03 -6.09
CA ALA B 314 6.76 -19.34 -6.20
C ALA B 314 7.09 -19.95 -7.55
N ARG B 315 6.27 -20.89 -8.00
CA ARG B 315 6.51 -21.62 -9.25
C ARG B 315 6.40 -20.70 -10.47
N ALA B 316 5.35 -19.88 -10.50
CA ALA B 316 5.18 -18.92 -11.59
C ALA B 316 6.34 -17.93 -11.64
N ASN B 317 6.78 -17.48 -10.47
CA ASN B 317 7.92 -16.58 -10.37
C ASN B 317 9.21 -17.25 -10.87
N LYS B 318 9.41 -18.50 -10.49
CA LYS B 318 10.56 -19.28 -10.92
C LYS B 318 10.65 -19.32 -12.45
N LEU B 319 9.55 -19.67 -13.10
CA LEU B 319 9.52 -19.78 -14.56
C LEU B 319 9.90 -18.46 -15.24
N PHE B 320 9.55 -17.34 -14.61
CA PHE B 320 9.91 -16.03 -15.14
C PHE B 320 11.40 -15.79 -14.98
N ASP B 321 11.96 -16.23 -13.86
CA ASP B 321 13.40 -16.12 -13.61
C ASP B 321 14.23 -16.94 -14.60
N LEU B 322 13.67 -18.04 -15.10
CA LEU B 322 14.36 -18.88 -16.07
C LEU B 322 14.24 -18.31 -17.47
N TYR B 323 13.05 -17.80 -17.80
CA TYR B 323 12.85 -17.07 -19.05
C TYR B 323 13.82 -15.89 -19.09
N ARG B 324 13.96 -15.23 -17.95
CA ARG B 324 14.83 -14.07 -17.80
C ARG B 324 16.30 -14.37 -18.14
N GLN B 325 16.86 -15.45 -17.60
CA GLN B 325 18.29 -15.72 -17.77
C GLN B 325 18.59 -16.53 -19.04
N TYR B 326 18.12 -17.77 -19.14
CA TYR B 326 18.39 -18.60 -20.31
C TYR B 326 17.72 -18.02 -21.56
N ASN B 327 18.11 -18.55 -22.72
CA ASN B 327 17.52 -18.15 -24.00
C ASN B 327 16.83 -19.31 -24.71
N SER B 328 16.75 -20.45 -24.05
CA SER B 328 16.13 -21.63 -24.63
C SER B 328 15.80 -22.67 -23.57
N LEU B 329 14.95 -23.63 -23.93
CA LEU B 329 14.55 -24.70 -23.03
C LEU B 329 15.71 -25.65 -22.73
N ASP B 330 16.46 -25.99 -23.78
CA ASP B 330 17.59 -26.90 -23.65
C ASP B 330 18.60 -26.42 -22.60
N GLU B 331 18.86 -25.12 -22.60
CA GLU B 331 19.84 -24.52 -21.69
C GLU B 331 19.58 -24.80 -20.20
N ILE B 332 18.34 -25.10 -19.84
CA ILE B 332 18.00 -25.36 -18.45
C ILE B 332 18.72 -26.62 -17.94
N ASP B 333 19.37 -26.50 -16.79
CA ASP B 333 20.08 -27.63 -16.18
C ASP B 333 19.11 -28.74 -15.78
N GLU B 334 19.53 -29.98 -16.05
CA GLU B 334 18.68 -31.16 -15.90
C GLU B 334 18.00 -31.33 -14.54
N LYS B 335 18.55 -30.76 -13.47
CA LYS B 335 17.96 -30.96 -12.16
C LYS B 335 16.70 -30.11 -11.97
N THR B 336 16.74 -28.88 -12.44
CA THR B 336 15.58 -28.00 -12.39
C THR B 336 14.60 -28.40 -13.49
N LYS B 337 15.13 -28.81 -14.64
CA LYS B 337 14.31 -29.35 -15.72
C LYS B 337 13.50 -30.54 -15.23
N THR B 338 14.07 -31.33 -14.34
CA THR B 338 13.37 -32.49 -13.78
C THR B 338 12.35 -32.03 -12.75
N LEU B 339 12.68 -30.96 -12.03
CA LEU B 339 11.76 -30.34 -11.09
C LEU B 339 10.49 -29.87 -11.79
N ILE B 340 10.67 -29.02 -12.80
CA ILE B 340 9.56 -28.47 -13.56
C ILE B 340 8.67 -29.56 -14.16
N GLU B 341 9.30 -30.53 -14.83
CA GLU B 341 8.54 -31.58 -15.50
C GLU B 341 7.74 -32.44 -14.52
N GLU B 342 8.38 -32.89 -13.44
CA GLU B 342 7.74 -33.81 -12.50
C GLU B 342 6.77 -33.12 -11.53
N LYS B 343 7.14 -31.95 -11.01
CA LYS B 343 6.37 -31.32 -9.94
C LYS B 343 5.43 -30.23 -10.46
N TYR B 344 5.97 -29.28 -11.23
CA TYR B 344 5.16 -28.20 -11.76
C TYR B 344 4.12 -28.73 -12.75
N PHE B 345 4.62 -29.31 -13.84
CA PHE B 345 3.78 -29.69 -14.98
C PHE B 345 3.08 -31.04 -14.85
N GLN B 346 3.74 -32.00 -14.21
CA GLN B 346 3.36 -33.42 -14.32
C GLN B 346 3.30 -33.83 -15.78
N ARG B 347 4.31 -33.40 -16.53
CA ARG B 347 4.38 -33.60 -17.98
C ARG B 347 5.76 -33.14 -18.45
N SER B 348 6.26 -33.75 -19.53
CA SER B 348 7.55 -33.35 -20.07
C SER B 348 7.41 -32.12 -20.94
N PHE B 349 8.51 -31.40 -21.13
CA PHE B 349 8.54 -30.26 -22.05
C PHE B 349 8.01 -30.68 -23.41
N GLU B 350 8.52 -31.81 -23.89
CA GLU B 350 8.12 -32.34 -25.19
C GLU B 350 6.61 -32.57 -25.26
N GLU B 351 6.05 -33.16 -24.20
CA GLU B 351 4.63 -33.43 -24.15
C GLU B 351 3.81 -32.15 -24.21
N VAL B 352 4.22 -31.14 -23.44
CA VAL B 352 3.58 -29.83 -23.45
C VAL B 352 3.55 -29.24 -24.86
N TYR B 353 4.73 -29.06 -25.44
CA TYR B 353 4.86 -28.46 -26.77
C TYR B 353 3.97 -29.13 -27.80
N GLU B 354 3.84 -30.45 -27.69
CA GLU B 354 2.99 -31.21 -28.61
C GLU B 354 1.52 -30.89 -28.37
N GLN B 355 1.14 -30.77 -27.09
CA GLN B 355 -0.20 -30.34 -26.74
C GLN B 355 -0.47 -28.94 -27.31
N LEU B 356 0.52 -28.07 -27.20
CA LEU B 356 0.39 -26.71 -27.72
C LEU B 356 0.20 -26.70 -29.24
N LYS B 357 0.84 -27.64 -29.94
CA LYS B 357 0.65 -27.76 -31.38
C LYS B 357 -0.81 -27.99 -31.71
N ARG B 358 -1.49 -28.76 -30.86
CA ARG B 358 -2.91 -29.05 -31.06
C ARG B 358 -3.77 -27.81 -30.89
N ASP B 359 -3.46 -27.03 -29.86
CA ASP B 359 -4.28 -25.88 -29.48
C ASP B 359 -4.07 -24.67 -30.36
N LYS B 360 -2.82 -24.23 -30.46
CA LYS B 360 -2.49 -22.94 -31.04
C LYS B 360 -2.55 -22.91 -32.57
N SER B 361 -2.46 -21.70 -33.12
CA SER B 361 -2.42 -21.51 -34.57
C SER B 361 -1.08 -21.93 -35.14
N PRO B 362 -1.07 -22.49 -36.36
CA PRO B 362 0.19 -22.81 -37.05
C PRO B 362 1.18 -21.65 -37.05
N GLU B 363 0.67 -20.43 -37.18
CA GLU B 363 1.52 -19.24 -37.27
C GLU B 363 2.33 -19.07 -35.98
N GLN B 364 1.68 -19.35 -34.86
CA GLN B 364 2.33 -19.24 -33.55
C GLN B 364 3.38 -20.32 -33.36
N ILE B 365 3.07 -21.54 -33.78
CA ILE B 365 4.04 -22.64 -33.71
C ILE B 365 5.25 -22.31 -34.56
N ALA B 366 5.00 -21.93 -35.82
CA ALA B 366 6.05 -21.53 -36.74
C ALA B 366 6.99 -20.52 -36.09
N LYS B 367 6.39 -19.54 -35.44
CA LYS B 367 7.11 -18.47 -34.77
C LYS B 367 7.99 -19.02 -33.64
N ALA B 368 7.53 -20.08 -33.01
CA ALA B 368 8.27 -20.71 -31.91
C ALA B 368 9.39 -21.60 -32.44
N GLU B 369 9.13 -22.26 -33.57
CA GLU B 369 10.12 -23.13 -34.19
C GLU B 369 11.37 -22.35 -34.61
N GLN B 370 11.18 -21.11 -35.03
CA GLN B 370 12.29 -20.25 -35.43
C GLN B 370 12.97 -19.59 -34.23
N ASN B 371 12.18 -19.21 -33.22
CA ASN B 371 12.69 -18.49 -32.05
C ASN B 371 12.71 -19.38 -30.80
N PRO B 372 13.91 -19.68 -30.28
CA PRO B 372 13.95 -20.56 -29.09
C PRO B 372 13.51 -19.85 -27.81
N LYS B 373 13.54 -18.52 -27.81
CA LYS B 373 13.12 -17.76 -26.64
C LYS B 373 11.60 -17.81 -26.53
N HIS B 374 10.94 -17.48 -27.64
CA HIS B 374 9.48 -17.51 -27.70
C HIS B 374 8.92 -18.91 -27.45
N LYS B 375 9.63 -19.93 -27.94
CA LYS B 375 9.20 -21.32 -27.69
C LYS B 375 9.17 -21.60 -26.21
N ALA B 377 8.78 -19.36 -23.50
CA ALA B 377 7.65 -18.67 -22.86
C ALA B 377 6.35 -19.41 -23.14
N VAL B 379 5.83 -22.38 -23.64
CA VAL B 379 5.75 -23.62 -22.88
C VAL B 379 5.47 -23.33 -21.40
N PHE B 380 6.11 -22.29 -20.86
CA PHE B 380 5.84 -21.86 -19.50
C PHE B 380 4.43 -21.31 -19.35
N LYS B 381 3.92 -20.67 -20.39
CA LYS B 381 2.58 -20.09 -20.36
C LYS B 381 1.53 -21.19 -20.20
N TRP B 382 1.85 -22.40 -20.66
CA TRP B 382 0.97 -23.54 -20.45
C TRP B 382 0.68 -23.74 -18.97
N TYR B 383 1.68 -23.49 -18.14
CA TYR B 383 1.54 -23.67 -16.70
C TYR B 383 0.43 -22.78 -16.17
N PHE B 384 0.38 -21.54 -16.65
CA PHE B 384 -0.62 -20.57 -16.21
C PHE B 384 -2.05 -20.93 -16.61
N SER B 385 -2.26 -21.31 -17.87
CA SER B 385 -3.59 -21.74 -18.29
C SER B 385 -4.00 -23.04 -17.61
N HIS B 386 -3.02 -23.93 -17.41
CA HIS B 386 -3.28 -25.21 -16.75
C HIS B 386 -3.69 -25.03 -15.29
N THR B 387 -2.99 -24.15 -14.59
CA THR B 387 -3.26 -23.90 -13.18
C THR B 387 -4.56 -23.11 -12.99
N THR B 388 -4.87 -22.24 -13.94
CA THR B 388 -6.15 -21.53 -13.94
C THR B 388 -7.27 -22.55 -14.11
N ARG B 389 -7.09 -23.47 -15.05
CA ARG B 389 -8.07 -24.52 -15.29
C ARG B 389 -8.27 -25.40 -14.06
N LEU B 390 -7.16 -25.78 -13.41
CA LEU B 390 -7.22 -26.53 -12.18
C LEU B 390 -8.09 -25.86 -11.12
N ALA B 391 -7.92 -24.54 -10.99
CA ALA B 391 -8.68 -23.78 -10.00
C ALA B 391 -10.18 -23.76 -10.34
N LEU B 392 -10.51 -23.47 -11.59
CA LEU B 392 -11.91 -23.37 -12.01
C LEU B 392 -12.61 -24.71 -11.82
N GLU B 393 -11.93 -25.80 -12.16
CA GLU B 393 -12.47 -27.13 -11.94
C GLU B 393 -12.33 -27.52 -10.48
N GLY B 394 -13.40 -28.02 -9.89
CA GLY B 394 -13.40 -28.39 -8.48
C GLY B 394 -12.51 -29.58 -8.16
N LYS B 395 -11.97 -30.22 -9.19
CA LYS B 395 -11.62 -31.64 -9.13
C LYS B 395 -10.36 -31.99 -8.34
N SER B 396 -9.21 -31.45 -8.76
CA SER B 396 -7.92 -31.77 -8.14
C SER B 396 -7.99 -31.75 -6.61
N GLU B 397 -7.49 -32.79 -5.97
CA GLU B 397 -7.44 -32.84 -4.52
C GLU B 397 -6.25 -32.01 -4.04
N SER B 398 -5.18 -32.05 -4.82
CA SER B 398 -4.06 -31.16 -4.62
C SER B 398 -4.48 -29.75 -5.03
N LYS B 399 -4.55 -28.86 -4.05
CA LYS B 399 -4.94 -27.47 -4.27
C LYS B 399 -3.68 -26.64 -4.44
N ILE B 400 -2.55 -27.31 -4.33
CA ILE B 400 -1.25 -26.68 -4.23
C ILE B 400 -0.89 -25.84 -5.46
N ASP B 401 -1.45 -26.20 -6.61
CA ASP B 401 -1.09 -25.54 -7.86
C ASP B 401 -2.10 -24.49 -8.31
N TYR B 402 -3.21 -24.35 -7.58
CA TYR B 402 -4.28 -23.43 -7.96
C TYR B 402 -3.81 -21.98 -8.13
N GLN B 403 -3.94 -21.44 -9.35
CA GLN B 403 -3.73 -20.02 -9.56
C GLN B 403 -5.01 -19.26 -9.22
N ILE B 404 -4.94 -18.49 -8.14
CA ILE B 404 -6.10 -17.77 -7.63
C ILE B 404 -5.77 -16.30 -7.47
N HIS B 405 -6.36 -15.45 -8.31
CA HIS B 405 -6.11 -14.03 -8.23
C HIS B 405 -6.93 -13.45 -7.09
N CYS B 406 -6.30 -12.58 -6.31
CA CYS B 406 -6.89 -12.08 -5.08
C CYS B 406 -5.99 -11.02 -4.47
N GLY B 407 -6.62 -10.00 -3.88
CA GLY B 407 -5.89 -8.94 -3.19
C GLY B 407 -6.21 -8.93 -1.71
N PRO B 408 -5.51 -8.10 -0.94
CA PRO B 408 -5.71 -8.01 0.52
C PRO B 408 -7.11 -7.56 0.90
N ALA B 409 -7.84 -6.94 -0.03
CA ALA B 409 -9.21 -6.50 0.22
C ALA B 409 -10.05 -7.64 0.80
N LEU B 410 -9.88 -8.84 0.27
CA LEU B 410 -10.65 -9.98 0.74
C LEU B 410 -10.27 -10.33 2.17
N GLY B 411 -8.97 -10.35 2.44
CA GLY B 411 -8.47 -10.60 3.78
C GLY B 411 -9.09 -9.63 4.77
N ALA B 412 -9.18 -8.36 4.38
CA ALA B 412 -9.78 -7.34 5.22
C ALA B 412 -11.25 -7.62 5.44
N PHE B 413 -11.95 -7.98 4.37
CA PHE B 413 -13.35 -8.35 4.43
C PHE B 413 -13.56 -9.52 5.40
N ASN B 414 -12.75 -10.57 5.25
CA ASN B 414 -12.87 -11.75 6.11
C ASN B 414 -12.77 -11.42 7.59
N GLN B 415 -11.88 -10.49 7.94
CA GLN B 415 -11.69 -10.10 9.33
C GLN B 415 -12.89 -9.29 9.81
N TRP B 416 -13.41 -8.45 8.91
CA TRP B 416 -14.61 -7.66 9.18
C TRP B 416 -15.83 -8.52 9.54
N VAL B 417 -15.98 -9.65 8.86
CA VAL B 417 -17.18 -10.49 9.02
C VAL B 417 -16.91 -11.75 9.85
N LYS B 418 -15.69 -11.88 10.37
CA LYS B 418 -15.36 -12.97 11.28
C LYS B 418 -16.39 -13.08 12.41
N GLY B 419 -16.84 -14.30 12.69
CA GLY B 419 -17.81 -14.54 13.74
C GLY B 419 -19.18 -13.96 13.46
N THR B 420 -19.52 -13.84 12.17
CA THR B 420 -20.81 -13.35 11.73
C THR B 420 -21.50 -14.43 10.89
N PRO B 421 -22.82 -14.33 10.70
CA PRO B 421 -23.48 -15.18 9.69
C PRO B 421 -22.79 -15.13 8.32
N LEU B 422 -22.13 -14.02 8.02
CA LEU B 422 -21.49 -13.82 6.72
C LEU B 422 -20.13 -14.52 6.57
N GLU B 423 -19.64 -15.14 7.64
CA GLU B 423 -18.30 -15.73 7.63
C GLU B 423 -18.16 -16.84 6.59
N ASN B 424 -19.18 -17.68 6.49
CA ASN B 424 -19.18 -18.79 5.53
C ASN B 424 -19.57 -18.27 4.15
N TRP B 425 -18.73 -18.52 3.14
CA TRP B 425 -18.98 -17.97 1.81
C TRP B 425 -20.33 -18.45 1.26
N ARG B 426 -20.81 -19.58 1.77
CA ARG B 426 -22.09 -20.13 1.35
C ARG B 426 -23.25 -19.24 1.82
N ASN B 427 -22.97 -18.31 2.72
CA ASN B 427 -23.94 -17.28 3.11
C ASN B 427 -23.59 -15.90 2.54
N ARG B 428 -22.58 -15.83 1.69
CA ARG B 428 -22.18 -14.56 1.08
C ARG B 428 -22.79 -14.40 -0.30
N HIS B 429 -23.72 -13.47 -0.41
CA HIS B 429 -24.34 -13.15 -1.69
C HIS B 429 -23.82 -11.81 -2.18
N VAL B 430 -23.47 -11.75 -3.45
CA VAL B 430 -22.79 -10.59 -4.01
C VAL B 430 -23.57 -9.30 -3.83
N ASP B 431 -24.89 -9.37 -3.96
CA ASP B 431 -25.72 -8.19 -3.80
C ASP B 431 -25.82 -7.76 -2.34
N LEU B 432 -25.88 -8.73 -1.44
CA LEU B 432 -26.06 -8.42 -0.02
C LEU B 432 -24.79 -7.90 0.65
N ILE B 433 -23.63 -8.46 0.31
CA ILE B 433 -22.39 -7.96 0.89
C ILE B 433 -22.11 -6.57 0.34
N GLY B 434 -22.42 -6.38 -0.94
CA GLY B 434 -22.41 -5.05 -1.55
C GLY B 434 -23.26 -4.06 -0.79
N LYS B 435 -24.52 -4.42 -0.55
CA LYS B 435 -25.44 -3.53 0.17
C LYS B 435 -24.92 -3.21 1.56
N GLN B 436 -24.49 -4.24 2.29
CA GLN B 436 -24.07 -4.04 3.67
C GLN B 436 -22.82 -3.16 3.73
N LEU B 437 -21.90 -3.38 2.80
CA LEU B 437 -20.68 -2.58 2.73
C LEU B 437 -21.02 -1.11 2.54
N GLU B 439 -23.97 0.47 3.14
CA GLU B 439 -24.74 1.01 4.26
C GLU B 439 -23.85 1.29 5.46
N GLU B 440 -22.94 0.37 5.75
CA GLU B 440 -22.03 0.54 6.87
C GLU B 440 -20.99 1.62 6.56
N THR B 441 -20.55 1.68 5.31
CA THR B 441 -19.69 2.77 4.84
C THR B 441 -20.35 4.11 5.13
N ALA B 442 -21.62 4.23 4.76
CA ALA B 442 -22.37 5.47 4.99
C ALA B 442 -22.44 5.81 6.48
N GLY B 443 -22.71 4.81 7.31
CA GLY B 443 -22.84 5.01 8.74
C GLY B 443 -21.53 5.44 9.37
N LEU B 444 -20.46 4.77 8.98
CA LEU B 444 -19.12 5.11 9.45
C LEU B 444 -18.78 6.56 9.12
N LEU B 445 -19.07 6.96 7.88
CA LEU B 445 -18.78 8.30 7.41
C LEU B 445 -19.50 9.34 8.27
N ALA B 446 -20.79 9.09 8.53
CA ALA B 446 -21.63 10.01 9.29
C ALA B 446 -21.16 10.08 10.74
N GLN B 447 -20.81 8.92 11.26
CA GLN B 447 -20.34 8.77 12.64
C GLN B 447 -19.09 9.61 12.89
N ARG B 448 -18.24 9.72 11.89
CA ARG B 448 -17.01 10.49 12.01
C ARG B 448 -17.32 11.98 11.97
N LEU B 449 -18.29 12.36 11.13
CA LEU B 449 -18.72 13.74 11.06
C LEU B 449 -19.28 14.18 12.42
N VAL B 450 -19.93 13.24 13.11
CA VAL B 450 -20.47 13.50 14.44
C VAL B 450 -19.31 13.72 15.40
N SER B 451 -18.37 12.80 15.37
CA SER B 451 -17.19 12.87 16.23
C SER B 451 -16.39 14.17 16.15
N ILE B 452 -16.08 14.63 14.94
CA ILE B 452 -15.16 15.76 14.80
C ILE B 452 -15.85 17.13 14.93
N THR B 453 -17.16 17.18 14.70
CA THR B 453 -17.90 18.45 14.81
C THR B 453 -18.65 18.56 16.13
N GLY B 454 -18.53 17.53 16.97
CA GLY B 454 -19.21 17.52 18.26
C GLY B 454 -18.72 18.63 19.17
#